data_3C3X
#
_entry.id   3C3X
#
_cell.length_a   79.168
_cell.length_b   85.046
_cell.length_c   99.082
_cell.angle_alpha   90.000
_cell.angle_beta   90.000
_cell.angle_gamma   90.000
#
_symmetry.space_group_name_H-M   'P 21 21 21'
#
loop_
_entity.id
_entity.type
_entity.pdbx_description
1 polymer 'Eugenol synthase 1'
2 non-polymer 'NADP NICOTINAMIDE-ADENINE-DINUCLEOTIDE PHOSPHATE'
3 water water
#
_entity_poly.entity_id   1
_entity_poly.type   'polypeptide(L)'
_entity_poly.pdbx_seq_one_letter_code
;GSHGMEENGMKSKILIFGGTGYIGNHMVKGSLKLGHPTYVFTRPNSSKTTLLDEFQSLGAIIVKGELDEHEKLVELMKKV
DVVISALAVPQYLDQFKILEAIKVAGNIKRFLPSDFGVEEDRINALPPFEALIERKRMIRRAIEEANIPYTYVSANCFAS
YFINYLLRPYDPKDEITVYGTGEAKFAMNYEQDIGLYTIKVATDPRALNRVVIYRPSTNIITQLELISRWEKKIGKKFKK
IHVPEEEIVALTKELPEPENIPIAILHCLFIDGATMSYDFKENDVEASTLYPELKFTTIDELLDIFVHDPPPPASAAF
;
_entity_poly.pdbx_strand_id   A,B
#
loop_
_chem_comp.id
_chem_comp.type
_chem_comp.name
_chem_comp.formula
NAP non-polymer 'NADP NICOTINAMIDE-ADENINE-DINUCLEOTIDE PHOSPHATE' 'C21 H28 N7 O17 P3'
#
# COMPACT_ATOMS: atom_id res chain seq x y z
N GLY A 9 6.88 35.60 18.52
CA GLY A 9 7.00 36.15 19.90
C GLY A 9 6.04 35.47 20.86
N MET A 10 4.82 35.96 20.92
CA MET A 10 3.81 35.39 21.80
C MET A 10 3.35 34.03 21.26
N LYS A 11 3.60 33.80 19.97
CA LYS A 11 3.20 32.56 19.31
C LYS A 11 3.52 31.31 20.10
N SER A 12 2.50 30.48 20.32
CA SER A 12 2.67 29.23 21.05
C SER A 12 3.61 28.34 20.21
N LYS A 13 4.49 27.62 20.89
CA LYS A 13 5.40 26.72 20.19
C LYS A 13 4.64 25.42 20.01
N ILE A 14 4.59 24.94 18.78
CA ILE A 14 3.84 23.74 18.47
C ILE A 14 4.71 22.53 18.13
N LEU A 15 4.42 21.42 18.79
CA LEU A 15 5.14 20.16 18.57
C LEU A 15 4.19 19.20 17.88
N ILE A 16 4.60 18.72 16.72
CA ILE A 16 3.75 17.81 15.94
C ILE A 16 4.38 16.45 15.73
N PHE A 17 3.64 15.42 16.14
CA PHE A 17 4.08 14.03 15.98
C PHE A 17 3.31 13.52 14.78
N GLY A 18 3.98 12.77 13.91
CA GLY A 18 3.32 12.26 12.73
C GLY A 18 3.27 13.36 11.68
N GLY A 19 4.10 14.38 11.88
CA GLY A 19 4.15 15.51 10.98
C GLY A 19 4.41 15.24 9.51
N THR A 20 5.13 14.17 9.20
CA THR A 20 5.42 13.84 7.81
C THR A 20 4.28 13.00 7.24
N GLY A 21 3.32 12.68 8.09
CA GLY A 21 2.20 11.87 7.68
C GLY A 21 1.29 12.48 6.64
N TYR A 22 0.31 11.71 6.20
CA TYR A 22 -0.62 12.18 5.17
C TYR A 22 -1.33 13.45 5.60
N ILE A 23 -1.92 13.47 6.79
CA ILE A 23 -2.59 14.68 7.24
C ILE A 23 -1.62 15.52 8.05
N GLY A 24 -0.62 14.86 8.63
CA GLY A 24 0.34 15.58 9.44
C GLY A 24 1.09 16.69 8.73
N ASN A 25 1.48 16.47 7.46
CA ASN A 25 2.23 17.47 6.73
C ASN A 25 1.45 18.78 6.56
N HIS A 26 0.12 18.69 6.56
CA HIS A 26 -0.71 19.88 6.43
C HIS A 26 -0.77 20.67 7.72
N MET A 27 -0.63 19.99 8.85
CA MET A 27 -0.65 20.66 10.13
C MET A 27 0.68 21.39 10.32
N VAL A 28 1.74 20.78 9.82
CA VAL A 28 3.06 21.38 9.89
C VAL A 28 3.07 22.66 9.05
N LYS A 29 2.53 22.58 7.83
CA LYS A 29 2.51 23.74 6.96
C LYS A 29 1.61 24.85 7.47
N GLY A 30 0.42 24.50 7.95
CA GLY A 30 -0.47 25.52 8.47
C GLY A 30 0.11 26.18 9.71
N SER A 31 0.85 25.41 10.50
CA SER A 31 1.45 25.94 11.71
C SER A 31 2.48 27.00 11.36
N LEU A 32 3.33 26.69 10.38
CA LEU A 32 4.37 27.60 9.92
C LEU A 32 3.74 28.82 9.23
N LYS A 33 2.75 28.57 8.39
CA LYS A 33 2.06 29.64 7.69
C LYS A 33 1.42 30.58 8.70
N LEU A 34 1.09 30.05 9.86
CA LEU A 34 0.49 30.86 10.91
C LEU A 34 1.56 31.47 11.81
N GLY A 35 2.83 31.34 11.40
CA GLY A 35 3.91 31.92 12.16
C GLY A 35 4.18 31.27 13.50
N HIS A 36 3.77 30.02 13.67
CA HIS A 36 3.99 29.29 14.91
C HIS A 36 5.31 28.56 14.90
N PRO A 37 6.11 28.70 15.96
CA PRO A 37 7.39 27.97 16.00
C PRO A 37 6.92 26.52 15.94
N THR A 38 7.44 25.76 14.99
CA THR A 38 7.00 24.38 14.78
C THR A 38 8.08 23.29 14.87
N TYR A 39 7.89 22.37 15.81
CA TYR A 39 8.80 21.27 15.99
C TYR A 39 8.16 20.05 15.33
N VAL A 40 8.98 19.29 14.61
CA VAL A 40 8.51 18.10 13.94
C VAL A 40 9.35 16.89 14.39
N PHE A 41 8.72 16.02 15.16
CA PHE A 41 9.38 14.84 15.66
C PHE A 41 9.25 13.79 14.57
N THR A 42 10.38 13.18 14.20
CA THR A 42 10.38 12.19 13.14
C THR A 42 11.40 11.09 13.38
N ARG A 43 11.09 9.89 12.90
CA ARG A 43 11.97 8.74 13.06
C ARG A 43 13.28 8.91 12.28
N PRO A 44 14.40 8.45 12.87
CA PRO A 44 15.72 8.53 12.23
C PRO A 44 15.75 7.82 10.88
N ASN A 45 15.12 6.64 10.83
CA ASN A 45 15.06 5.83 9.62
C ASN A 45 14.05 6.44 8.66
N SER A 46 13.94 7.76 8.73
CA SER A 46 13.02 8.53 7.91
C SER A 46 13.21 8.34 6.42
N SER A 47 12.09 8.18 5.71
CA SER A 47 12.12 8.03 4.27
C SER A 47 11.48 9.28 3.69
N LYS A 48 11.04 10.16 4.58
CA LYS A 48 10.42 11.41 4.17
C LYS A 48 11.46 12.52 4.22
N THR A 49 12.65 12.18 3.77
CA THR A 49 13.78 13.10 3.74
C THR A 49 13.55 14.36 2.91
N THR A 50 12.95 14.22 1.74
CA THR A 50 12.69 15.38 0.90
C THR A 50 11.60 16.29 1.49
N LEU A 51 10.61 15.68 2.13
CA LEU A 51 9.54 16.45 2.76
C LEU A 51 10.09 17.19 3.98
N LEU A 52 10.96 16.52 4.74
CA LEU A 52 11.57 17.12 5.92
C LEU A 52 12.42 18.31 5.51
N ASP A 53 13.10 18.19 4.38
CA ASP A 53 13.92 19.29 3.89
C ASP A 53 13.01 20.48 3.58
N GLU A 54 11.82 20.19 3.05
CA GLU A 54 10.85 21.23 2.73
C GLU A 54 10.40 21.93 4.00
N PHE A 55 10.06 21.16 5.03
CA PHE A 55 9.63 21.71 6.31
C PHE A 55 10.72 22.63 6.81
N GLN A 56 11.95 22.14 6.72
CA GLN A 56 13.11 22.87 7.17
C GLN A 56 13.22 24.20 6.44
N SER A 57 13.03 24.19 5.12
CA SER A 57 13.11 25.42 4.36
C SER A 57 11.97 26.36 4.73
N LEU A 58 10.90 25.81 5.30
CA LEU A 58 9.77 26.63 5.71
C LEU A 58 9.97 27.20 7.11
N GLY A 59 11.08 26.81 7.76
CA GLY A 59 11.37 27.29 9.09
C GLY A 59 11.13 26.34 10.24
N ALA A 60 10.75 25.10 9.94
CA ALA A 60 10.47 24.11 10.98
C ALA A 60 11.73 23.50 11.61
N ILE A 61 11.64 23.15 12.88
CA ILE A 61 12.75 22.52 13.59
C ILE A 61 12.53 21.00 13.62
N ILE A 62 13.42 20.28 12.97
CA ILE A 62 13.34 18.82 12.89
C ILE A 62 13.98 18.13 14.09
N VAL A 63 13.22 17.22 14.71
CA VAL A 63 13.73 16.47 15.84
C VAL A 63 13.60 14.97 15.58
N LYS A 64 14.72 14.35 15.24
CA LYS A 64 14.73 12.92 14.97
C LYS A 64 14.81 12.11 16.26
N GLY A 65 14.09 11.01 16.31
CA GLY A 65 14.10 10.19 17.49
C GLY A 65 12.98 9.18 17.49
N GLU A 66 12.96 8.32 18.51
CA GLU A 66 11.93 7.30 18.61
C GLU A 66 11.02 7.66 19.77
N LEU A 67 9.77 7.22 19.71
CA LEU A 67 8.79 7.50 20.76
C LEU A 67 9.19 6.83 22.08
N ASP A 68 10.14 5.90 21.97
CA ASP A 68 10.65 5.16 23.13
C ASP A 68 11.68 5.96 23.90
N GLU A 69 12.11 7.07 23.33
CA GLU A 69 13.08 7.93 24.00
C GLU A 69 12.35 8.86 24.95
N HIS A 70 11.88 8.27 26.05
CA HIS A 70 11.13 8.97 27.07
C HIS A 70 11.78 10.25 27.56
N GLU A 71 13.07 10.19 27.86
CA GLU A 71 13.75 11.39 28.35
C GLU A 71 13.84 12.46 27.27
N LYS A 72 14.07 12.04 26.02
CA LYS A 72 14.14 13.01 24.94
C LYS A 72 12.79 13.72 24.86
N LEU A 73 11.72 12.94 24.92
CA LEU A 73 10.36 13.47 24.84
C LEU A 73 10.09 14.48 25.96
N VAL A 74 10.51 14.14 27.17
CA VAL A 74 10.31 15.02 28.31
C VAL A 74 11.00 16.36 28.12
N GLU A 75 12.28 16.31 27.73
CA GLU A 75 13.03 17.54 27.55
C GLU A 75 12.49 18.36 26.39
N LEU A 76 11.87 17.67 25.44
CA LEU A 76 11.29 18.33 24.29
C LEU A 76 9.99 19.02 24.70
N MET A 77 9.14 18.28 25.42
CA MET A 77 7.86 18.80 25.90
C MET A 77 8.05 20.13 26.64
N LYS A 78 9.17 20.24 27.34
CA LYS A 78 9.49 21.43 28.12
C LYS A 78 9.74 22.68 27.31
N LYS A 79 10.07 22.52 26.04
CA LYS A 79 10.33 23.66 25.18
C LYS A 79 9.10 24.12 24.39
N VAL A 80 8.03 23.34 24.42
CA VAL A 80 6.82 23.70 23.67
C VAL A 80 5.58 23.95 24.52
N ASP A 81 4.55 24.47 23.87
CA ASP A 81 3.29 24.80 24.54
C ASP A 81 2.16 23.88 24.12
N VAL A 82 2.12 23.57 22.82
CA VAL A 82 1.07 22.75 22.26
C VAL A 82 1.62 21.46 21.63
N VAL A 83 0.93 20.35 21.84
CA VAL A 83 1.34 19.07 21.27
C VAL A 83 0.23 18.50 20.42
N ILE A 84 0.55 18.20 19.16
CA ILE A 84 -0.43 17.62 18.26
C ILE A 84 0.07 16.27 17.76
N SER A 85 -0.79 15.26 17.86
CA SER A 85 -0.45 13.92 17.41
C SER A 85 -1.29 13.52 16.19
N ALA A 86 -0.59 13.29 15.08
CA ALA A 86 -1.21 12.89 13.82
C ALA A 86 -0.64 11.53 13.45
N LEU A 87 -0.50 10.65 14.43
CA LEU A 87 0.03 9.33 14.22
C LEU A 87 -1.03 8.39 13.63
N ALA A 88 -0.57 7.33 12.98
CA ALA A 88 -1.42 6.35 12.33
C ALA A 88 -2.07 5.39 13.33
N VAL A 89 -3.13 4.72 12.89
CA VAL A 89 -3.86 3.78 13.73
C VAL A 89 -2.95 2.74 14.40
N PRO A 90 -1.94 2.23 13.65
CA PRO A 90 -1.03 1.24 14.27
C PRO A 90 -0.30 1.77 15.50
N GLN A 91 -0.09 3.08 15.57
CA GLN A 91 0.61 3.69 16.69
C GLN A 91 -0.29 4.40 17.70
N TYR A 92 -1.58 4.07 17.73
CA TYR A 92 -2.50 4.72 18.66
C TYR A 92 -2.19 4.61 20.16
N LEU A 93 -1.94 3.41 20.66
CA LEU A 93 -1.63 3.28 22.08
C LEU A 93 -0.21 3.74 22.38
N ASP A 94 0.59 3.94 21.34
CA ASP A 94 1.95 4.43 21.54
C ASP A 94 1.83 5.89 21.98
N GLN A 95 0.68 6.50 21.71
CA GLN A 95 0.46 7.87 22.14
C GLN A 95 0.57 7.96 23.65
N PHE A 96 0.51 6.81 24.34
CA PHE A 96 0.66 6.82 25.79
C PHE A 96 2.08 7.18 26.17
N LYS A 97 3.00 7.06 25.21
CA LYS A 97 4.38 7.44 25.44
C LYS A 97 4.46 8.97 25.35
N ILE A 98 3.69 9.54 24.44
CA ILE A 98 3.65 10.99 24.31
C ILE A 98 2.96 11.54 25.55
N LEU A 99 1.88 10.90 25.96
CA LEU A 99 1.11 11.33 27.13
C LEU A 99 1.92 11.31 28.44
N GLU A 100 2.78 10.31 28.59
CA GLU A 100 3.60 10.17 29.80
C GLU A 100 4.63 11.32 29.89
N ALA A 101 5.18 11.71 28.74
CA ALA A 101 6.15 12.80 28.70
C ALA A 101 5.48 14.13 29.05
N ILE A 102 4.28 14.34 28.51
CA ILE A 102 3.51 15.54 28.77
C ILE A 102 3.24 15.63 30.26
N LYS A 103 2.82 14.52 30.85
CA LYS A 103 2.53 14.49 32.27
C LYS A 103 3.77 14.88 33.08
N VAL A 104 4.90 14.27 32.79
CA VAL A 104 6.13 14.57 33.51
C VAL A 104 6.54 16.04 33.31
N ALA A 105 6.50 16.53 32.08
CA ALA A 105 6.87 17.90 31.76
C ALA A 105 5.93 18.89 32.46
N GLY A 106 4.64 18.59 32.45
CA GLY A 106 3.66 19.44 33.10
C GLY A 106 3.36 20.82 32.54
N ASN A 107 4.10 21.26 31.54
CA ASN A 107 3.85 22.61 31.01
C ASN A 107 3.01 22.71 29.74
N ILE A 108 2.51 21.58 29.23
CA ILE A 108 1.71 21.60 28.01
C ILE A 108 0.36 22.30 28.17
N LYS A 109 0.09 23.25 27.30
CA LYS A 109 -1.15 24.05 27.32
C LYS A 109 -2.31 23.42 26.56
N ARG A 110 -2.01 22.53 25.61
CA ARG A 110 -3.05 21.86 24.85
C ARG A 110 -2.52 20.60 24.15
N PHE A 111 -3.33 19.54 24.19
CA PHE A 111 -2.96 18.29 23.56
C PHE A 111 -4.07 17.81 22.65
N LEU A 112 -3.71 17.57 21.40
CA LEU A 112 -4.64 17.05 20.41
C LEU A 112 -4.25 15.62 20.04
N PRO A 113 -4.97 14.63 20.56
CA PRO A 113 -4.60 13.26 20.20
C PRO A 113 -4.91 13.06 18.71
N SER A 114 -4.52 11.91 18.17
CA SER A 114 -4.77 11.61 16.77
C SER A 114 -6.16 11.04 16.54
N ASP A 115 -7.10 11.92 16.23
CA ASP A 115 -8.48 11.54 15.93
C ASP A 115 -8.67 11.85 14.46
N PHE A 116 -9.10 13.08 14.18
CA PHE A 116 -9.31 13.55 12.82
C PHE A 116 -10.17 12.61 11.96
N GLY A 117 -11.30 12.17 12.51
CA GLY A 117 -12.18 11.29 11.75
C GLY A 117 -13.64 11.54 12.08
N VAL A 118 -14.34 10.47 12.45
CA VAL A 118 -15.74 10.55 12.85
C VAL A 118 -15.74 10.84 14.36
N GLU A 119 -16.91 11.13 14.93
CA GLU A 119 -17.00 11.40 16.37
C GLU A 119 -17.16 10.06 17.10
N GLU A 120 -16.05 9.57 17.64
CA GLU A 120 -15.98 8.29 18.35
C GLU A 120 -16.91 8.14 19.56
N ASP A 121 -17.11 9.19 20.34
CA ASP A 121 -17.98 9.08 21.51
C ASP A 121 -19.47 9.25 21.21
N ARG A 122 -19.88 9.06 19.96
CA ARG A 122 -21.29 9.19 19.63
C ARG A 122 -21.76 8.34 18.45
N ILE A 123 -20.89 7.45 17.98
CA ILE A 123 -21.25 6.57 16.87
C ILE A 123 -20.66 5.17 17.08
N ASN A 124 -21.35 4.16 16.57
CA ASN A 124 -20.91 2.78 16.71
C ASN A 124 -20.85 2.08 15.36
N ALA A 125 -19.71 1.45 15.08
CA ALA A 125 -19.51 0.75 13.82
C ALA A 125 -19.34 -0.74 14.04
N LEU A 126 -19.04 -1.45 12.96
CA LEU A 126 -18.83 -2.88 13.00
C LEU A 126 -17.61 -3.17 13.87
N PRO A 127 -17.56 -4.35 14.47
CA PRO A 127 -16.45 -4.78 15.35
C PRO A 127 -15.06 -4.28 14.94
N PRO A 128 -14.71 -4.39 13.65
CA PRO A 128 -13.39 -3.95 13.19
C PRO A 128 -13.10 -2.49 13.52
N PHE A 129 -14.01 -1.61 13.15
CA PHE A 129 -13.85 -0.19 13.40
C PHE A 129 -14.15 0.13 14.86
N GLU A 130 -15.09 -0.62 15.45
CA GLU A 130 -15.44 -0.41 16.83
C GLU A 130 -14.22 -0.57 17.74
N ALA A 131 -13.33 -1.49 17.37
CA ALA A 131 -12.12 -1.73 18.14
C ALA A 131 -11.17 -0.53 18.17
N LEU A 132 -11.00 0.09 17.01
CA LEU A 132 -10.12 1.25 16.88
C LEU A 132 -10.72 2.46 17.62
N ILE A 133 -12.05 2.58 17.62
CA ILE A 133 -12.70 3.68 18.30
C ILE A 133 -12.48 3.51 19.80
N GLU A 134 -12.61 2.27 20.27
CA GLU A 134 -12.42 1.95 21.66
C GLU A 134 -11.06 2.41 22.14
N ARG A 135 -10.05 2.27 21.29
CA ARG A 135 -8.70 2.69 21.65
C ARG A 135 -8.65 4.20 21.79
N LYS A 136 -9.19 4.92 20.81
CA LYS A 136 -9.21 6.39 20.85
C LYS A 136 -9.86 6.88 22.14
N ARG A 137 -10.92 6.20 22.55
CA ARG A 137 -11.63 6.54 23.78
C ARG A 137 -10.74 6.25 24.99
N MET A 138 -9.89 5.22 24.88
CA MET A 138 -8.99 4.89 25.97
C MET A 138 -8.09 6.09 26.19
N ILE A 139 -7.53 6.59 25.08
CA ILE A 139 -6.64 7.75 25.11
C ILE A 139 -7.36 8.93 25.76
N ARG A 140 -8.58 9.21 25.28
CA ARG A 140 -9.40 10.32 25.77
C ARG A 140 -9.62 10.26 27.28
N ARG A 141 -10.04 9.09 27.76
CA ARG A 141 -10.27 8.91 29.18
C ARG A 141 -8.98 9.21 29.96
N ALA A 142 -7.84 8.73 29.47
CA ALA A 142 -6.55 8.96 30.14
C ALA A 142 -6.20 10.46 30.21
N ILE A 143 -6.54 11.18 29.15
CA ILE A 143 -6.29 12.62 29.05
C ILE A 143 -7.11 13.40 30.09
N GLU A 144 -8.40 13.11 30.14
CA GLU A 144 -9.30 13.78 31.05
C GLU A 144 -9.04 13.39 32.49
N GLU A 145 -8.70 12.12 32.70
CA GLU A 145 -8.41 11.61 34.03
C GLU A 145 -7.27 12.40 34.66
N ALA A 146 -6.28 12.76 33.84
CA ALA A 146 -5.12 13.51 34.31
C ALA A 146 -5.33 15.02 34.20
N ASN A 147 -6.52 15.40 33.75
CA ASN A 147 -6.86 16.82 33.57
C ASN A 147 -5.92 17.54 32.61
N ILE A 148 -5.44 16.85 31.58
CA ILE A 148 -4.57 17.45 30.57
C ILE A 148 -5.45 18.27 29.64
N PRO A 149 -5.11 19.55 29.40
CA PRO A 149 -5.92 20.38 28.50
C PRO A 149 -5.86 19.79 27.08
N TYR A 150 -7.03 19.60 26.47
CA TYR A 150 -7.07 18.99 25.15
C TYR A 150 -8.10 19.61 24.20
N THR A 151 -8.19 18.99 23.03
CA THR A 151 -9.17 19.35 22.01
C THR A 151 -9.32 18.06 21.19
N TYR A 152 -10.55 17.59 21.03
CA TYR A 152 -10.84 16.38 20.25
C TYR A 152 -11.36 16.81 18.90
N VAL A 153 -10.60 16.53 17.85
CA VAL A 153 -10.97 16.95 16.50
C VAL A 153 -11.57 15.87 15.62
N SER A 154 -12.82 16.08 15.23
CA SER A 154 -13.50 15.18 14.34
C SER A 154 -13.50 15.96 13.03
N ALA A 155 -12.61 15.59 12.12
CA ALA A 155 -12.48 16.29 10.86
C ALA A 155 -13.36 15.70 9.75
N ASN A 156 -14.02 14.58 10.05
CA ASN A 156 -14.85 13.90 9.06
C ASN A 156 -13.96 13.38 7.90
N CYS A 157 -14.53 13.23 6.70
CA CYS A 157 -13.76 12.66 5.60
C CYS A 157 -12.69 13.52 4.92
N PHE A 158 -11.50 12.96 4.76
CA PHE A 158 -10.43 13.68 4.06
C PHE A 158 -10.89 13.73 2.60
N ALA A 159 -11.16 14.94 2.10
CA ALA A 159 -11.67 15.17 0.74
C ALA A 159 -10.85 14.67 -0.44
N SER A 160 -9.61 15.12 -0.57
CA SER A 160 -8.79 14.67 -1.69
C SER A 160 -8.72 13.16 -1.62
N TYR A 161 -8.54 12.66 -0.40
CA TYR A 161 -8.42 11.24 -0.15
C TYR A 161 -9.61 10.49 -0.70
N PHE A 162 -10.81 10.91 -0.32
CA PHE A 162 -12.00 10.19 -0.78
C PHE A 162 -12.50 10.49 -2.18
N ILE A 163 -12.13 11.64 -2.73
CA ILE A 163 -12.55 11.93 -4.10
C ILE A 163 -11.75 10.94 -4.96
N ASN A 164 -10.47 10.79 -4.66
CA ASN A 164 -9.62 9.84 -5.39
C ASN A 164 -10.19 8.45 -5.21
N TYR A 165 -10.55 8.11 -3.97
CA TYR A 165 -11.09 6.79 -3.68
C TYR A 165 -12.42 6.48 -4.37
N LEU A 166 -13.37 7.41 -4.25
CA LEU A 166 -14.69 7.21 -4.83
C LEU A 166 -14.79 7.53 -6.33
N LEU A 167 -14.06 8.54 -6.79
CA LEU A 167 -14.15 8.90 -8.20
C LEU A 167 -13.01 8.39 -9.08
N ARG A 168 -11.91 7.96 -8.47
CA ARG A 168 -10.77 7.45 -9.24
C ARG A 168 -10.51 8.33 -10.46
N PRO A 169 -10.42 9.67 -10.28
CA PRO A 169 -10.18 10.60 -11.39
C PRO A 169 -8.94 10.29 -12.24
N TYR A 170 -8.09 9.41 -11.76
CA TYR A 170 -6.89 9.02 -12.48
C TYR A 170 -7.15 7.68 -13.15
N ASP A 171 -8.38 7.49 -13.59
CA ASP A 171 -8.81 6.26 -14.24
C ASP A 171 -10.05 6.49 -15.10
N PRO A 172 -9.88 6.59 -16.43
CA PRO A 172 -10.99 6.82 -17.36
C PRO A 172 -12.02 5.68 -17.47
N LYS A 173 -12.25 4.96 -16.38
CA LYS A 173 -13.22 3.86 -16.38
C LYS A 173 -14.61 4.42 -16.70
N ASP A 174 -15.47 3.58 -17.26
CA ASP A 174 -16.83 4.00 -17.58
C ASP A 174 -17.81 3.69 -16.47
N GLU A 175 -17.38 2.84 -15.54
CA GLU A 175 -18.20 2.45 -14.40
C GLU A 175 -17.62 3.05 -13.12
N ILE A 176 -18.47 3.17 -12.11
CA ILE A 176 -18.05 3.69 -10.82
C ILE A 176 -18.75 2.86 -9.75
N THR A 177 -17.99 2.49 -8.74
CA THR A 177 -18.53 1.68 -7.65
C THR A 177 -19.19 2.51 -6.55
N VAL A 178 -20.42 2.13 -6.22
CA VAL A 178 -21.20 2.79 -5.17
C VAL A 178 -21.39 1.78 -4.04
N TYR A 179 -21.05 2.21 -2.82
CA TYR A 179 -21.16 1.37 -1.63
C TYR A 179 -22.53 1.53 -0.97
N GLY A 180 -23.26 0.44 -0.88
CA GLY A 180 -24.59 0.50 -0.31
C GLY A 180 -25.45 1.21 -1.34
N THR A 181 -26.47 1.90 -0.89
CA THR A 181 -27.36 2.61 -1.79
C THR A 181 -26.71 3.91 -2.31
N GLY A 182 -25.77 4.45 -1.55
CA GLY A 182 -25.12 5.68 -1.97
C GLY A 182 -25.95 6.88 -1.58
N GLU A 183 -27.03 6.62 -0.85
CA GLU A 183 -27.95 7.66 -0.39
C GLU A 183 -27.49 8.28 0.93
N ALA A 184 -26.54 7.62 1.59
CA ALA A 184 -26.03 8.10 2.87
C ALA A 184 -25.22 9.41 2.74
N LYS A 185 -25.51 10.35 3.64
CA LYS A 185 -24.81 11.62 3.66
C LYS A 185 -23.57 11.55 4.50
N PHE A 186 -22.58 12.34 4.10
CA PHE A 186 -21.31 12.43 4.82
C PHE A 186 -20.70 13.79 4.51
N ALA A 187 -19.75 14.21 5.33
CA ALA A 187 -19.09 15.49 5.14
C ALA A 187 -17.63 15.21 4.81
N MET A 188 -17.08 15.93 3.85
CA MET A 188 -15.68 15.75 3.46
C MET A 188 -14.98 17.10 3.36
N ASN A 189 -13.79 17.20 3.95
CA ASN A 189 -13.05 18.46 3.95
C ASN A 189 -11.64 18.37 3.36
N TYR A 190 -11.26 19.42 2.65
CA TYR A 190 -9.93 19.49 2.02
C TYR A 190 -8.84 19.33 3.08
N GLU A 191 -7.86 18.47 2.79
CA GLU A 191 -6.76 18.21 3.71
C GLU A 191 -6.00 19.47 4.15
N GLN A 192 -5.84 20.41 3.24
CA GLN A 192 -5.13 21.65 3.55
C GLN A 192 -5.89 22.45 4.62
N ASP A 193 -7.23 22.46 4.53
CA ASP A 193 -8.01 23.21 5.50
C ASP A 193 -8.05 22.50 6.84
N ILE A 194 -8.09 21.17 6.80
CA ILE A 194 -8.11 20.38 8.02
C ILE A 194 -6.85 20.71 8.81
N GLY A 195 -5.74 20.88 8.10
CA GLY A 195 -4.49 21.18 8.76
C GLY A 195 -4.49 22.57 9.36
N LEU A 196 -4.85 23.56 8.56
CA LEU A 196 -4.87 24.94 9.01
C LEU A 196 -5.81 25.16 10.19
N TYR A 197 -7.01 24.62 10.08
CA TYR A 197 -8.02 24.76 11.13
C TYR A 197 -7.63 24.07 12.42
N THR A 198 -6.95 22.93 12.31
CA THR A 198 -6.54 22.21 13.49
C THR A 198 -5.56 23.06 14.29
N ILE A 199 -4.70 23.79 13.58
CA ILE A 199 -3.74 24.66 14.23
C ILE A 199 -4.44 25.85 14.87
N LYS A 200 -5.43 26.39 14.16
CA LYS A 200 -6.18 27.54 14.68
C LYS A 200 -6.85 27.15 16.00
N VAL A 201 -7.65 26.08 15.99
CA VAL A 201 -8.35 25.71 17.20
C VAL A 201 -7.46 25.24 18.36
N ALA A 202 -6.28 24.71 18.03
CA ALA A 202 -5.36 24.23 19.07
C ALA A 202 -4.92 25.38 19.98
N THR A 203 -5.20 26.60 19.55
CA THR A 203 -4.85 27.78 20.34
C THR A 203 -6.07 28.63 20.59
N ASP A 204 -7.22 28.14 20.15
CA ASP A 204 -8.47 28.86 20.34
C ASP A 204 -9.09 28.50 21.68
N PRO A 205 -9.12 29.46 22.63
CA PRO A 205 -9.70 29.21 23.94
C PRO A 205 -11.09 28.58 23.80
N ARG A 206 -11.77 28.95 22.72
CA ARG A 206 -13.11 28.44 22.45
C ARG A 206 -13.16 26.94 22.18
N ALA A 207 -11.99 26.33 21.97
CA ALA A 207 -11.93 24.90 21.72
C ALA A 207 -11.29 24.15 22.89
N LEU A 208 -10.83 24.89 23.89
CA LEU A 208 -10.19 24.28 25.07
C LEU A 208 -11.11 23.24 25.71
N ASN A 209 -10.56 22.04 25.88
CA ASN A 209 -11.28 20.93 26.47
C ASN A 209 -12.63 20.71 25.81
N ARG A 210 -12.64 20.75 24.48
CA ARG A 210 -13.86 20.56 23.73
C ARG A 210 -13.70 19.65 22.51
N VAL A 211 -14.83 19.24 21.98
CA VAL A 211 -14.87 18.42 20.78
C VAL A 211 -15.13 19.41 19.65
N VAL A 212 -14.24 19.46 18.67
CA VAL A 212 -14.43 20.33 17.52
C VAL A 212 -14.74 19.43 16.33
N ILE A 213 -15.78 19.80 15.59
CA ILE A 213 -16.20 19.03 14.44
C ILE A 213 -16.07 19.89 13.18
N TYR A 214 -15.47 19.34 12.14
CA TYR A 214 -15.35 20.07 10.88
C TYR A 214 -16.52 19.68 9.98
N ARG A 215 -17.57 20.50 9.96
CA ARG A 215 -18.73 20.18 9.13
C ARG A 215 -19.34 21.40 8.43
N PRO A 216 -18.58 22.04 7.54
CA PRO A 216 -19.17 23.20 6.86
C PRO A 216 -20.33 22.75 5.95
N SER A 217 -21.41 23.51 5.97
CA SER A 217 -22.62 23.22 5.19
C SER A 217 -22.37 23.01 3.71
N THR A 218 -21.29 23.58 3.19
CA THR A 218 -20.95 23.44 1.77
C THR A 218 -20.19 22.15 1.45
N ASN A 219 -19.99 21.30 2.44
CA ASN A 219 -19.25 20.07 2.19
C ASN A 219 -19.96 18.79 2.61
N ILE A 220 -21.29 18.82 2.59
CA ILE A 220 -22.08 17.65 2.95
C ILE A 220 -22.69 17.09 1.68
N ILE A 221 -22.53 15.79 1.46
CA ILE A 221 -23.03 15.19 0.24
C ILE A 221 -23.13 13.66 0.35
N THR A 222 -23.75 13.05 -0.64
CA THR A 222 -23.90 11.60 -0.70
C THR A 222 -23.04 11.13 -1.87
N GLN A 223 -22.78 9.83 -1.96
CA GLN A 223 -21.97 9.28 -3.06
C GLN A 223 -22.62 9.61 -4.40
N LEU A 224 -23.91 9.34 -4.51
CA LEU A 224 -24.61 9.60 -5.76
C LEU A 224 -24.51 11.08 -6.14
N GLU A 225 -24.81 11.97 -5.20
CA GLU A 225 -24.73 13.39 -5.50
C GLU A 225 -23.32 13.79 -5.94
N LEU A 226 -22.32 13.24 -5.26
CA LEU A 226 -20.94 13.54 -5.60
C LEU A 226 -20.65 13.08 -7.03
N ILE A 227 -21.10 11.88 -7.36
CA ILE A 227 -20.90 11.33 -8.69
C ILE A 227 -21.60 12.21 -9.72
N SER A 228 -22.88 12.47 -9.49
CA SER A 228 -23.68 13.30 -10.37
C SER A 228 -23.00 14.63 -10.65
N ARG A 229 -22.45 15.28 -9.62
CA ARG A 229 -21.80 16.57 -9.82
C ARG A 229 -20.47 16.44 -10.56
N TRP A 230 -19.75 15.36 -10.30
CA TRP A 230 -18.49 15.13 -10.99
C TRP A 230 -18.81 14.98 -12.49
N GLU A 231 -19.92 14.30 -12.78
CA GLU A 231 -20.35 14.07 -14.16
C GLU A 231 -20.58 15.38 -14.93
N LYS A 232 -21.24 16.34 -14.29
CA LYS A 232 -21.51 17.63 -14.90
C LYS A 232 -20.19 18.37 -15.10
N LYS A 233 -19.33 18.30 -14.10
CA LYS A 233 -18.02 18.95 -14.19
C LYS A 233 -17.22 18.51 -15.41
N ILE A 234 -17.15 17.20 -15.65
CA ILE A 234 -16.36 16.70 -16.75
C ILE A 234 -17.14 16.37 -18.01
N GLY A 235 -18.47 16.42 -17.92
CA GLY A 235 -19.30 16.12 -19.07
C GLY A 235 -19.26 14.67 -19.52
N LYS A 236 -19.32 13.73 -18.57
CA LYS A 236 -19.27 12.30 -18.89
C LYS A 236 -20.13 11.51 -17.91
N LYS A 237 -21.02 10.66 -18.43
CA LYS A 237 -21.89 9.86 -17.57
C LYS A 237 -21.29 8.49 -17.33
N PHE A 238 -21.29 8.07 -16.07
CA PHE A 238 -20.74 6.79 -15.66
C PHE A 238 -21.81 5.76 -15.36
N LYS A 239 -21.43 4.49 -15.49
CA LYS A 239 -22.34 3.39 -15.21
C LYS A 239 -22.13 3.06 -13.73
N LYS A 240 -23.18 3.15 -12.95
CA LYS A 240 -23.08 2.90 -11.52
C LYS A 240 -23.24 1.43 -11.13
N ILE A 241 -22.30 0.93 -10.33
CA ILE A 241 -22.34 -0.44 -9.87
C ILE A 241 -22.31 -0.47 -8.35
N HIS A 242 -23.43 -0.87 -7.76
CA HIS A 242 -23.58 -0.94 -6.32
C HIS A 242 -23.07 -2.22 -5.67
N VAL A 243 -22.53 -2.06 -4.47
CA VAL A 243 -22.04 -3.16 -3.66
C VAL A 243 -23.02 -3.19 -2.51
N PRO A 244 -23.90 -4.21 -2.48
CA PRO A 244 -24.90 -4.34 -1.42
C PRO A 244 -24.28 -4.24 -0.02
N GLU A 245 -25.01 -3.65 0.91
CA GLU A 245 -24.52 -3.49 2.28
C GLU A 245 -24.25 -4.87 2.90
N GLU A 246 -25.21 -5.78 2.77
CA GLU A 246 -25.08 -7.11 3.31
C GLU A 246 -23.78 -7.78 2.90
N GLU A 247 -23.29 -7.45 1.71
CA GLU A 247 -22.03 -8.03 1.23
C GLU A 247 -20.87 -7.38 1.97
N ILE A 248 -20.98 -6.06 2.16
CA ILE A 248 -19.93 -5.31 2.85
C ILE A 248 -19.82 -5.82 4.28
N VAL A 249 -20.97 -6.11 4.87
CA VAL A 249 -21.03 -6.63 6.24
C VAL A 249 -20.36 -7.99 6.33
N ALA A 250 -20.70 -8.87 5.41
CA ALA A 250 -20.12 -10.22 5.40
C ALA A 250 -18.60 -10.17 5.25
N LEU A 251 -18.11 -9.27 4.40
CA LEU A 251 -16.68 -9.13 4.14
C LEU A 251 -15.92 -8.74 5.40
N THR A 252 -16.47 -7.84 6.19
CA THR A 252 -15.83 -7.40 7.42
C THR A 252 -15.65 -8.59 8.35
N LYS A 253 -16.52 -9.58 8.19
CA LYS A 253 -16.47 -10.77 9.02
C LYS A 253 -15.54 -11.81 8.43
N GLU A 254 -15.49 -11.88 7.11
CA GLU A 254 -14.67 -12.85 6.42
C GLU A 254 -13.23 -12.41 6.18
N LEU A 255 -13.05 -11.25 5.56
CA LEU A 255 -11.73 -10.75 5.25
C LEU A 255 -10.89 -10.67 6.52
N PRO A 256 -9.57 -10.87 6.38
CA PRO A 256 -8.66 -10.81 7.53
C PRO A 256 -8.46 -9.39 8.00
N GLU A 257 -7.46 -9.20 8.83
CA GLU A 257 -7.11 -7.89 9.37
C GLU A 257 -5.73 -7.59 8.77
N PRO A 258 -5.46 -6.31 8.44
CA PRO A 258 -6.32 -5.13 8.58
C PRO A 258 -7.29 -4.91 7.42
N GLU A 259 -7.24 -5.76 6.41
CA GLU A 259 -8.10 -5.64 5.23
C GLU A 259 -9.55 -5.30 5.54
N ASN A 260 -10.12 -5.96 6.54
CA ASN A 260 -11.51 -5.76 6.91
C ASN A 260 -11.81 -4.43 7.59
N ILE A 261 -10.79 -3.76 8.13
CA ILE A 261 -11.01 -2.48 8.81
C ILE A 261 -11.53 -1.38 7.88
N PRO A 262 -10.85 -1.11 6.76
CA PRO A 262 -11.38 -0.06 5.88
C PRO A 262 -12.76 -0.42 5.32
N ILE A 263 -13.10 -1.72 5.36
CA ILE A 263 -14.39 -2.21 4.90
C ILE A 263 -15.46 -1.75 5.89
N ALA A 264 -15.08 -1.73 7.17
CA ALA A 264 -15.98 -1.31 8.25
C ALA A 264 -16.13 0.21 8.30
N ILE A 265 -15.09 0.92 7.84
CA ILE A 265 -15.10 2.38 7.79
C ILE A 265 -16.06 2.77 6.66
N LEU A 266 -15.92 2.09 5.53
CA LEU A 266 -16.75 2.33 4.35
C LEU A 266 -18.23 2.19 4.69
N HIS A 267 -18.55 1.14 5.44
CA HIS A 267 -19.93 0.88 5.83
C HIS A 267 -20.41 2.00 6.75
N CYS A 268 -19.58 2.34 7.73
CA CYS A 268 -19.90 3.40 8.69
C CYS A 268 -20.02 4.76 8.01
N LEU A 269 -19.15 5.01 7.04
CA LEU A 269 -19.15 6.29 6.33
C LEU A 269 -20.28 6.42 5.32
N PHE A 270 -20.16 5.64 4.26
CA PHE A 270 -21.10 5.69 3.14
C PHE A 270 -22.37 4.85 3.20
N ILE A 271 -22.52 4.02 4.23
CA ILE A 271 -23.72 3.21 4.33
C ILE A 271 -24.52 3.64 5.55
N ASP A 272 -23.80 3.89 6.63
CA ASP A 272 -24.43 4.33 7.88
C ASP A 272 -24.41 5.85 7.94
N GLY A 273 -23.41 6.45 7.31
CA GLY A 273 -23.30 7.90 7.31
C GLY A 273 -23.11 8.40 8.74
N ALA A 274 -22.13 7.84 9.43
CA ALA A 274 -21.87 8.23 10.80
C ALA A 274 -21.34 9.66 10.96
N THR A 275 -21.08 10.35 9.84
CA THR A 275 -20.58 11.72 9.93
C THR A 275 -21.72 12.75 9.81
N MET A 276 -22.95 12.25 9.70
CA MET A 276 -24.11 13.11 9.56
C MET A 276 -25.31 12.53 10.31
N SER A 277 -25.13 11.34 10.87
CA SER A 277 -26.20 10.67 11.61
C SER A 277 -26.42 11.24 13.02
N TYR A 278 -25.80 12.38 13.33
CA TYR A 278 -25.95 12.98 14.65
C TYR A 278 -26.13 14.51 14.60
N ASP A 279 -26.70 15.05 15.67
CA ASP A 279 -26.92 16.51 15.79
C ASP A 279 -25.91 17.05 16.80
N PHE A 280 -25.55 18.32 16.67
CA PHE A 280 -24.57 18.92 17.55
C PHE A 280 -24.97 18.97 19.02
N LYS A 281 -24.05 18.58 19.89
CA LYS A 281 -24.29 18.61 21.32
C LYS A 281 -24.06 20.05 21.76
N GLU A 282 -24.56 20.40 22.94
CA GLU A 282 -24.41 21.74 23.49
C GLU A 282 -22.97 22.23 23.56
N ASN A 283 -22.08 21.36 24.01
CA ASN A 283 -20.68 21.72 24.15
C ASN A 283 -19.84 21.57 22.89
N ASP A 284 -20.43 21.03 21.82
CA ASP A 284 -19.71 20.85 20.57
C ASP A 284 -19.41 22.16 19.84
N VAL A 285 -18.31 22.16 19.12
CA VAL A 285 -17.89 23.32 18.37
C VAL A 285 -17.69 22.94 16.90
N GLU A 286 -18.43 23.59 16.01
CA GLU A 286 -18.28 23.33 14.58
C GLU A 286 -17.34 24.45 14.12
N ALA A 287 -16.14 24.05 13.68
CA ALA A 287 -15.08 25.00 13.29
C ALA A 287 -15.29 26.03 12.19
N SER A 288 -16.11 25.73 11.18
CA SER A 288 -16.28 26.71 10.10
C SER A 288 -16.82 28.03 10.65
N THR A 289 -17.51 27.96 11.79
CA THR A 289 -18.11 29.14 12.40
C THR A 289 -17.13 29.98 13.22
N LEU A 290 -15.95 29.43 13.48
CA LEU A 290 -14.98 30.13 14.33
C LEU A 290 -14.23 31.35 13.78
N TYR A 291 -13.93 31.34 12.48
CA TYR A 291 -13.15 32.44 11.89
C TYR A 291 -13.76 33.07 10.64
N PRO A 292 -14.14 34.36 10.72
CA PRO A 292 -14.74 35.08 9.59
C PRO A 292 -13.78 35.37 8.45
N GLU A 293 -12.48 35.25 8.72
CA GLU A 293 -11.46 35.50 7.71
C GLU A 293 -11.06 34.19 7.03
N LEU A 294 -11.58 33.07 7.52
CA LEU A 294 -11.28 31.76 6.96
C LEU A 294 -12.54 31.02 6.51
N LYS A 295 -12.37 30.10 5.56
CA LYS A 295 -13.47 29.31 5.06
C LYS A 295 -12.94 27.99 4.54
N PHE A 296 -13.76 26.95 4.62
CA PHE A 296 -13.34 25.64 4.11
C PHE A 296 -13.59 25.62 2.60
N THR A 297 -12.67 24.99 1.87
CA THR A 297 -12.80 24.86 0.44
C THR A 297 -14.04 24.00 0.27
N THR A 298 -14.95 24.44 -0.59
CA THR A 298 -16.19 23.73 -0.83
C THR A 298 -16.01 22.56 -1.79
N ILE A 299 -17.05 21.73 -1.89
CA ILE A 299 -17.02 20.59 -2.78
C ILE A 299 -16.81 21.01 -4.23
N ASP A 300 -17.61 21.95 -4.70
CA ASP A 300 -17.47 22.40 -6.07
C ASP A 300 -16.04 22.85 -6.34
N GLU A 301 -15.47 23.61 -5.40
CA GLU A 301 -14.12 24.08 -5.56
C GLU A 301 -13.17 22.89 -5.57
N LEU A 302 -13.48 21.88 -4.76
CA LEU A 302 -12.66 20.66 -4.72
C LEU A 302 -12.70 19.93 -6.08
N LEU A 303 -13.89 19.85 -6.66
CA LEU A 303 -14.01 19.18 -7.96
C LEU A 303 -13.26 19.99 -9.02
N ASP A 304 -13.24 21.30 -8.87
CA ASP A 304 -12.54 22.18 -9.80
C ASP A 304 -11.07 21.85 -9.72
N ILE A 305 -10.56 21.72 -8.50
CA ILE A 305 -9.15 21.41 -8.28
C ILE A 305 -8.78 20.09 -8.91
N PHE A 306 -9.64 19.08 -8.79
CA PHE A 306 -9.34 17.78 -9.37
C PHE A 306 -9.40 17.80 -10.90
N VAL A 307 -9.88 18.93 -11.45
CA VAL A 307 -9.96 19.09 -12.90
C VAL A 307 -8.70 19.80 -13.37
N HIS A 308 -8.37 20.91 -12.71
CA HIS A 308 -7.20 21.70 -13.07
C HIS A 308 -5.86 21.15 -12.58
N ASP A 309 -5.86 20.47 -11.44
CA ASP A 309 -4.62 19.89 -10.94
C ASP A 309 -4.92 18.93 -9.80
N PRO A 310 -5.39 17.73 -10.15
CA PRO A 310 -5.75 16.68 -9.18
C PRO A 310 -4.60 16.14 -8.35
N PRO A 311 -4.81 16.01 -7.03
CA PRO A 311 -3.76 15.49 -6.15
C PRO A 311 -3.73 13.97 -6.26
N PRO A 312 -2.54 13.36 -6.13
CA PRO A 312 -2.35 11.91 -6.19
C PRO A 312 -3.13 11.11 -5.15
N PRO A 313 -3.59 9.90 -5.52
CA PRO A 313 -4.35 9.05 -4.60
C PRO A 313 -3.49 8.56 -3.45
N ALA A 314 -4.12 8.19 -2.34
CA ALA A 314 -3.38 7.71 -1.17
C ALA A 314 -4.17 6.70 -0.34
N SER A 315 -3.45 5.83 0.37
CA SER A 315 -4.08 4.82 1.20
C SER A 315 -3.55 4.86 2.65
N ALA A 316 -4.48 4.88 3.61
CA ALA A 316 -4.12 4.91 5.02
C ALA A 316 -3.57 3.55 5.47
N ALA A 317 -2.70 3.57 6.49
CA ALA A 317 -2.09 2.36 7.02
C ALA A 317 -2.96 1.75 8.12
N PHE A 318 -3.13 0.43 8.06
CA PHE A 318 -3.95 -0.27 9.04
C PHE A 318 -3.22 -1.52 9.55
N GLY B 9 35.15 -12.97 -16.35
CA GLY B 9 35.82 -13.35 -17.63
C GLY B 9 34.83 -13.60 -18.75
N MET B 10 34.40 -14.87 -18.87
CA MET B 10 33.46 -15.25 -19.90
C MET B 10 32.01 -14.91 -19.51
N LYS B 11 31.81 -14.69 -18.21
CA LYS B 11 30.48 -14.38 -17.66
C LYS B 11 29.63 -13.38 -18.42
N SER B 12 28.43 -13.80 -18.79
CA SER B 12 27.49 -12.93 -19.51
C SER B 12 27.19 -11.70 -18.65
N LYS B 13 27.07 -10.54 -19.29
CA LYS B 13 26.76 -9.31 -18.58
C LYS B 13 25.24 -9.20 -18.53
N ILE B 14 24.72 -9.04 -17.32
CA ILE B 14 23.27 -8.98 -17.13
C ILE B 14 22.76 -7.60 -16.76
N LEU B 15 21.72 -7.18 -17.46
CA LEU B 15 21.07 -5.89 -17.25
C LEU B 15 19.70 -6.18 -16.66
N ILE B 16 19.45 -5.71 -15.44
CA ILE B 16 18.16 -5.96 -14.81
C ILE B 16 17.33 -4.69 -14.63
N PHE B 17 16.11 -4.74 -15.16
CA PHE B 17 15.18 -3.62 -15.03
C PHE B 17 14.25 -4.01 -13.90
N GLY B 18 13.92 -3.05 -13.04
CA GLY B 18 13.08 -3.35 -11.91
C GLY B 18 13.93 -4.04 -10.85
N GLY B 19 15.25 -3.85 -10.97
CA GLY B 19 16.18 -4.46 -10.04
C GLY B 19 15.94 -4.21 -8.56
N THR B 20 15.36 -3.06 -8.23
CA THR B 20 15.10 -2.70 -6.86
C THR B 20 13.74 -3.21 -6.40
N GLY B 21 13.02 -3.87 -7.32
CA GLY B 21 11.72 -4.39 -7.00
C GLY B 21 11.69 -5.51 -5.99
N TYR B 22 10.49 -5.91 -5.59
CA TYR B 22 10.30 -6.98 -4.61
C TYR B 22 10.98 -8.27 -5.08
N ILE B 23 10.79 -8.64 -6.34
CA ILE B 23 11.44 -9.85 -6.84
C ILE B 23 12.75 -9.51 -7.52
N GLY B 24 12.82 -8.32 -8.10
CA GLY B 24 14.03 -7.91 -8.80
C GLY B 24 15.31 -7.89 -7.96
N ASN B 25 15.23 -7.44 -6.71
CA ASN B 25 16.43 -7.39 -5.87
C ASN B 25 17.05 -8.79 -5.66
N HIS B 26 16.23 -9.83 -5.76
CA HIS B 26 16.73 -11.20 -5.63
C HIS B 26 17.44 -11.67 -6.87
N MET B 27 17.10 -11.06 -8.01
CA MET B 27 17.74 -11.39 -9.27
C MET B 27 19.08 -10.66 -9.29
N VAL B 28 19.09 -9.42 -8.81
CA VAL B 28 20.32 -8.68 -8.77
C VAL B 28 21.30 -9.42 -7.86
N LYS B 29 20.83 -9.85 -6.69
CA LYS B 29 21.69 -10.57 -5.75
C LYS B 29 22.18 -11.91 -6.29
N GLY B 30 21.28 -12.68 -6.90
CA GLY B 30 21.68 -13.97 -7.45
C GLY B 30 22.64 -13.80 -8.60
N SER B 31 22.43 -12.75 -9.39
CA SER B 31 23.30 -12.48 -10.52
C SER B 31 24.73 -12.23 -10.04
N LEU B 32 24.85 -11.39 -9.01
CA LEU B 32 26.14 -11.05 -8.42
C LEU B 32 26.75 -12.24 -7.71
N LYS B 33 25.93 -12.95 -6.93
CA LYS B 33 26.43 -14.13 -6.22
C LYS B 33 26.96 -15.13 -7.22
N LEU B 34 26.43 -15.09 -8.44
CA LEU B 34 26.87 -16.00 -9.49
C LEU B 34 28.05 -15.42 -10.27
N GLY B 35 28.53 -14.25 -9.82
CA GLY B 35 29.67 -13.61 -10.45
C GLY B 35 29.43 -13.06 -11.84
N HIS B 36 28.23 -12.56 -12.08
CA HIS B 36 27.90 -11.99 -13.38
C HIS B 36 28.01 -10.47 -13.29
N PRO B 37 28.67 -9.84 -14.28
CA PRO B 37 28.73 -8.37 -14.18
C PRO B 37 27.24 -7.99 -14.23
N THR B 38 26.77 -7.23 -13.25
CA THR B 38 25.36 -6.86 -13.17
C THR B 38 25.06 -5.36 -13.24
N TYR B 39 24.25 -4.98 -14.22
CA TYR B 39 23.85 -3.58 -14.38
C TYR B 39 22.43 -3.48 -13.84
N VAL B 40 22.16 -2.41 -13.09
CA VAL B 40 20.85 -2.19 -12.51
C VAL B 40 20.29 -0.84 -12.95
N PHE B 41 19.29 -0.88 -13.83
CA PHE B 41 18.66 0.34 -14.30
C PHE B 41 17.66 0.78 -13.25
N THR B 42 17.74 2.05 -12.85
CA THR B 42 16.85 2.56 -11.81
C THR B 42 16.53 4.06 -12.01
N ARG B 43 15.32 4.45 -11.62
CA ARG B 43 14.91 5.85 -11.78
C ARG B 43 15.75 6.79 -10.91
N PRO B 44 16.03 7.99 -11.42
CA PRO B 44 16.83 8.97 -10.68
C PRO B 44 16.16 9.36 -9.36
N ASN B 45 14.84 9.52 -9.40
CA ASN B 45 14.09 9.89 -8.21
C ASN B 45 13.89 8.65 -7.34
N SER B 46 14.88 7.77 -7.37
CA SER B 46 14.84 6.53 -6.61
C SER B 46 14.72 6.75 -5.11
N SER B 47 13.88 5.95 -4.48
CA SER B 47 13.70 6.05 -3.04
C SER B 47 14.38 4.83 -2.44
N LYS B 48 14.93 3.99 -3.31
CA LYS B 48 15.60 2.79 -2.85
C LYS B 48 17.11 2.99 -2.80
N THR B 49 17.50 4.12 -2.22
CA THR B 49 18.91 4.49 -2.09
C THR B 49 19.76 3.53 -1.26
N THR B 50 19.25 3.08 -0.13
CA THR B 50 20.01 2.16 0.71
C THR B 50 20.11 0.79 0.06
N LEU B 51 19.09 0.41 -0.70
CA LEU B 51 19.10 -0.87 -1.40
C LEU B 51 20.10 -0.77 -2.56
N LEU B 52 20.08 0.37 -3.24
CA LEU B 52 20.99 0.60 -4.37
C LEU B 52 22.43 0.62 -3.87
N ASP B 53 22.60 1.11 -2.64
CA ASP B 53 23.92 1.15 -2.01
C ASP B 53 24.36 -0.27 -1.69
N GLU B 54 23.42 -1.10 -1.26
CA GLU B 54 23.76 -2.48 -0.96
C GLU B 54 24.21 -3.17 -2.25
N PHE B 55 23.52 -2.88 -3.36
CA PHE B 55 23.87 -3.48 -4.65
C PHE B 55 25.28 -3.07 -5.02
N GLN B 56 25.56 -1.79 -4.86
CA GLN B 56 26.85 -1.21 -5.19
C GLN B 56 27.98 -1.89 -4.42
N SER B 57 27.77 -2.13 -3.13
CA SER B 57 28.81 -2.76 -2.33
C SER B 57 29.01 -4.21 -2.76
N LEU B 58 27.98 -4.80 -3.37
CA LEU B 58 28.07 -6.18 -3.84
C LEU B 58 28.75 -6.24 -5.20
N GLY B 59 28.97 -5.07 -5.80
CA GLY B 59 29.63 -5.01 -7.09
C GLY B 59 28.78 -4.63 -8.30
N ALA B 60 27.51 -4.34 -8.07
CA ALA B 60 26.61 -3.98 -9.16
C ALA B 60 26.86 -2.59 -9.74
N ILE B 61 26.57 -2.43 -11.03
CA ILE B 61 26.72 -1.14 -11.71
C ILE B 61 25.35 -0.47 -11.79
N ILE B 62 25.21 0.64 -11.08
CA ILE B 62 23.95 1.36 -11.05
C ILE B 62 23.84 2.32 -12.22
N VAL B 63 22.73 2.22 -12.95
CA VAL B 63 22.50 3.10 -14.08
C VAL B 63 21.16 3.81 -13.87
N LYS B 64 21.22 5.08 -13.51
CA LYS B 64 20.01 5.86 -13.29
C LYS B 64 19.47 6.45 -14.59
N GLY B 65 18.16 6.45 -14.73
CA GLY B 65 17.57 6.99 -15.94
C GLY B 65 16.12 6.58 -16.04
N GLU B 66 15.44 7.07 -17.08
CA GLU B 66 14.05 6.73 -17.30
C GLU B 66 13.96 5.85 -18.53
N LEU B 67 12.93 5.00 -18.57
CA LEU B 67 12.73 4.10 -19.70
C LEU B 67 12.50 4.87 -21.00
N ASP B 68 12.13 6.15 -20.86
CA ASP B 68 11.88 7.02 -22.00
C ASP B 68 13.15 7.46 -22.69
N GLU B 69 14.29 7.26 -22.03
CA GLU B 69 15.57 7.64 -22.62
C GLU B 69 16.04 6.55 -23.58
N HIS B 70 15.36 6.49 -24.72
CA HIS B 70 15.62 5.52 -25.77
C HIS B 70 17.09 5.39 -26.16
N GLU B 71 17.75 6.52 -26.35
CA GLU B 71 19.16 6.50 -26.73
C GLU B 71 19.99 5.91 -25.61
N LYS B 72 19.68 6.30 -24.37
CA LYS B 72 20.41 5.77 -23.23
C LYS B 72 20.29 4.24 -23.22
N LEU B 73 19.05 3.76 -23.38
CA LEU B 73 18.77 2.32 -23.38
C LEU B 73 19.53 1.56 -24.44
N VAL B 74 19.59 2.12 -25.65
CA VAL B 74 20.30 1.50 -26.77
C VAL B 74 21.78 1.38 -26.45
N GLU B 75 22.41 2.49 -26.10
CA GLU B 75 23.84 2.46 -25.78
C GLU B 75 24.13 1.54 -24.61
N LEU B 76 23.10 1.30 -23.79
CA LEU B 76 23.25 0.41 -22.64
C LEU B 76 23.16 -1.04 -23.08
N MET B 77 22.18 -1.33 -23.93
CA MET B 77 22.00 -2.68 -24.45
C MET B 77 23.29 -3.20 -25.09
N LYS B 78 24.02 -2.30 -25.73
CA LYS B 78 25.25 -2.64 -26.41
C LYS B 78 26.37 -3.15 -25.49
N LYS B 79 26.28 -2.85 -24.21
CA LYS B 79 27.30 -3.27 -23.27
C LYS B 79 26.95 -4.58 -22.56
N VAL B 80 25.75 -5.09 -22.79
CA VAL B 80 25.33 -6.31 -22.13
C VAL B 80 24.93 -7.44 -23.07
N ASP B 81 24.78 -8.63 -22.48
CA ASP B 81 24.42 -9.83 -23.22
C ASP B 81 23.01 -10.30 -22.88
N VAL B 82 22.64 -10.18 -21.61
CA VAL B 82 21.32 -10.61 -21.15
C VAL B 82 20.52 -9.48 -20.52
N VAL B 83 19.23 -9.44 -20.83
CA VAL B 83 18.32 -8.42 -20.30
C VAL B 83 17.16 -9.08 -19.56
N ILE B 84 16.96 -8.69 -18.30
CA ILE B 84 15.87 -9.23 -17.52
C ILE B 84 14.97 -8.09 -17.03
N SER B 85 13.67 -8.28 -17.19
CA SER B 85 12.69 -7.28 -16.78
C SER B 85 11.87 -7.82 -15.62
N ALA B 86 11.90 -7.10 -14.50
CA ALA B 86 11.18 -7.45 -13.29
C ALA B 86 10.30 -6.25 -12.93
N LEU B 87 9.77 -5.59 -13.94
CA LEU B 87 8.92 -4.42 -13.73
C LEU B 87 7.53 -4.82 -13.26
N ALA B 88 6.86 -3.89 -12.59
CA ALA B 88 5.52 -4.09 -12.07
C ALA B 88 4.46 -4.10 -13.16
N VAL B 89 3.26 -4.59 -12.82
CA VAL B 89 2.13 -4.68 -13.74
C VAL B 89 1.77 -3.36 -14.45
N PRO B 90 1.82 -2.23 -13.72
CA PRO B 90 1.48 -0.96 -14.39
C PRO B 90 2.45 -0.57 -15.50
N GLN B 91 3.64 -1.18 -15.50
CA GLN B 91 4.63 -0.87 -16.52
C GLN B 91 4.83 -1.99 -17.53
N TYR B 92 3.86 -2.88 -17.68
CA TYR B 92 4.00 -3.99 -18.62
C TYR B 92 4.23 -3.57 -20.08
N LEU B 93 3.40 -2.66 -20.58
CA LEU B 93 3.58 -2.21 -21.95
C LEU B 93 4.78 -1.27 -22.09
N ASP B 94 5.27 -0.74 -20.98
CA ASP B 94 6.46 0.12 -21.06
C ASP B 94 7.64 -0.76 -21.47
N GLN B 95 7.49 -2.06 -21.29
CA GLN B 95 8.56 -2.97 -21.67
C GLN B 95 8.82 -2.85 -23.17
N PHE B 96 7.90 -2.20 -23.89
CA PHE B 96 8.09 -2.02 -25.32
C PHE B 96 9.23 -1.04 -25.57
N LYS B 97 9.53 -0.22 -24.57
CA LYS B 97 10.63 0.72 -24.68
C LYS B 97 11.93 -0.09 -24.54
N ILE B 98 11.88 -1.11 -23.69
CA ILE B 98 13.03 -1.99 -23.49
C ILE B 98 13.22 -2.80 -24.75
N LEU B 99 12.13 -3.31 -25.29
CA LEU B 99 12.18 -4.12 -26.50
C LEU B 99 12.68 -3.35 -27.73
N GLU B 100 12.31 -2.08 -27.84
CA GLU B 100 12.72 -1.25 -28.97
C GLU B 100 14.24 -1.05 -28.94
N ALA B 101 14.78 -0.88 -27.73
CA ALA B 101 16.22 -0.69 -27.56
C ALA B 101 16.96 -1.97 -27.92
N ILE B 102 16.43 -3.10 -27.46
CA ILE B 102 17.04 -4.39 -27.72
C ILE B 102 17.13 -4.59 -29.23
N LYS B 103 16.02 -4.33 -29.91
CA LYS B 103 15.98 -4.50 -31.36
C LYS B 103 17.04 -3.63 -32.04
N VAL B 104 17.12 -2.37 -31.65
CA VAL B 104 18.10 -1.45 -32.22
C VAL B 104 19.54 -1.88 -31.96
N ALA B 105 19.83 -2.27 -30.72
CA ALA B 105 21.16 -2.71 -30.34
C ALA B 105 21.57 -3.99 -31.08
N GLY B 106 20.63 -4.93 -31.18
CA GLY B 106 20.88 -6.17 -31.90
C GLY B 106 21.82 -7.20 -31.29
N ASN B 107 22.51 -6.88 -30.20
CA ASN B 107 23.45 -7.85 -29.64
C ASN B 107 22.96 -8.67 -28.43
N ILE B 108 21.70 -8.50 -28.04
CA ILE B 108 21.19 -9.23 -26.88
C ILE B 108 21.02 -10.74 -27.09
N LYS B 109 21.64 -11.53 -26.21
CA LYS B 109 21.61 -12.98 -26.27
C LYS B 109 20.36 -13.61 -25.67
N ARG B 110 19.76 -12.94 -24.69
CA ARG B 110 18.55 -13.47 -24.06
C ARG B 110 17.74 -12.37 -23.37
N PHE B 111 16.43 -12.47 -23.49
CA PHE B 111 15.53 -11.51 -22.89
C PHE B 111 14.45 -12.20 -22.07
N LEU B 112 14.36 -11.83 -20.80
CA LEU B 112 13.34 -12.39 -19.94
C LEU B 112 12.33 -11.30 -19.59
N PRO B 113 11.14 -11.30 -20.23
CA PRO B 113 10.17 -10.27 -19.89
C PRO B 113 9.65 -10.50 -18.46
N SER B 114 8.90 -9.55 -17.92
CA SER B 114 8.37 -9.69 -16.58
C SER B 114 7.12 -10.56 -16.52
N ASP B 115 7.33 -11.82 -16.16
CA ASP B 115 6.24 -12.79 -15.99
C ASP B 115 6.28 -13.15 -14.53
N PHE B 116 7.14 -14.12 -14.21
CA PHE B 116 7.34 -14.62 -12.85
C PHE B 116 6.03 -14.90 -12.10
N GLY B 117 5.09 -15.55 -12.76
CA GLY B 117 3.83 -15.88 -12.12
C GLY B 117 3.24 -17.17 -12.65
N VAL B 118 2.00 -17.08 -13.11
CA VAL B 118 1.30 -18.23 -13.68
C VAL B 118 1.69 -18.35 -15.15
N GLU B 119 1.28 -19.44 -15.79
CA GLU B 119 1.57 -19.65 -17.22
C GLU B 119 0.42 -19.03 -18.02
N GLU B 120 0.64 -17.81 -18.49
CA GLU B 120 -0.35 -17.06 -19.25
C GLU B 120 -0.86 -17.74 -20.53
N ASP B 121 -0.03 -18.55 -21.17
CA ASP B 121 -0.47 -19.23 -22.40
C ASP B 121 -1.14 -20.59 -22.21
N ARG B 122 -1.79 -20.83 -21.08
CA ARG B 122 -2.46 -22.11 -20.85
C ARG B 122 -3.51 -22.07 -19.74
N ILE B 123 -3.73 -20.88 -19.19
CA ILE B 123 -4.72 -20.74 -18.12
C ILE B 123 -5.49 -19.44 -18.32
N ASN B 124 -6.77 -19.46 -17.97
CA ASN B 124 -7.62 -18.27 -18.12
C ASN B 124 -8.28 -17.90 -16.78
N ALA B 125 -8.22 -16.61 -16.44
CA ALA B 125 -8.80 -16.14 -15.21
C ALA B 125 -9.95 -15.17 -15.47
N LEU B 126 -10.47 -14.60 -14.40
CA LEU B 126 -11.57 -13.64 -14.50
C LEU B 126 -11.10 -12.43 -15.30
N PRO B 127 -12.03 -11.70 -15.91
CA PRO B 127 -11.75 -10.51 -16.72
C PRO B 127 -10.62 -9.61 -16.20
N PRO B 128 -10.66 -9.26 -14.90
CA PRO B 128 -9.64 -8.41 -14.29
C PRO B 128 -8.21 -8.93 -14.43
N PHE B 129 -8.06 -10.24 -14.33
CA PHE B 129 -6.74 -10.87 -14.43
C PHE B 129 -6.47 -11.31 -15.87
N GLU B 130 -7.52 -11.67 -16.59
CA GLU B 130 -7.39 -12.10 -17.97
C GLU B 130 -6.83 -10.97 -18.82
N ALA B 131 -6.96 -9.75 -18.34
CA ALA B 131 -6.46 -8.60 -19.07
C ALA B 131 -4.95 -8.40 -18.94
N LEU B 132 -4.41 -8.73 -17.78
CA LEU B 132 -2.97 -8.61 -17.53
C LEU B 132 -2.24 -9.72 -18.29
N ILE B 133 -2.91 -10.85 -18.48
CA ILE B 133 -2.30 -11.94 -19.19
C ILE B 133 -2.26 -11.54 -20.67
N GLU B 134 -3.30 -10.85 -21.14
CA GLU B 134 -3.45 -10.40 -22.50
C GLU B 134 -2.25 -9.55 -22.85
N ARG B 135 -1.89 -8.66 -21.95
CA ARG B 135 -0.76 -7.79 -22.12
C ARG B 135 0.51 -8.59 -22.25
N LYS B 136 0.72 -9.52 -21.32
CA LYS B 136 1.89 -10.38 -21.32
C LYS B 136 2.07 -11.11 -22.64
N ARG B 137 0.97 -11.64 -23.18
CA ARG B 137 1.02 -12.34 -24.47
C ARG B 137 1.44 -11.36 -25.56
N MET B 138 0.93 -10.14 -25.49
CA MET B 138 1.30 -9.13 -26.47
C MET B 138 2.81 -9.02 -26.51
N ILE B 139 3.42 -8.90 -25.32
CA ILE B 139 4.86 -8.78 -25.22
C ILE B 139 5.53 -10.01 -25.84
N ARG B 140 5.02 -11.19 -25.49
CA ARG B 140 5.56 -12.45 -26.00
C ARG B 140 5.51 -12.52 -27.52
N ARG B 141 4.35 -12.22 -28.07
CA ARG B 141 4.18 -12.25 -29.52
C ARG B 141 5.17 -11.29 -30.21
N ALA B 142 5.41 -10.13 -29.61
CA ALA B 142 6.33 -9.15 -30.19
C ALA B 142 7.76 -9.69 -30.17
N ILE B 143 8.10 -10.37 -29.08
CA ILE B 143 9.44 -10.96 -28.88
C ILE B 143 9.71 -12.04 -29.94
N GLU B 144 8.74 -12.92 -30.12
CA GLU B 144 8.88 -14.03 -31.06
C GLU B 144 8.82 -13.55 -32.50
N GLU B 145 7.94 -12.59 -32.76
CA GLU B 145 7.79 -12.03 -34.09
C GLU B 145 9.11 -11.44 -34.59
N ALA B 146 9.91 -10.91 -33.67
CA ALA B 146 11.20 -10.31 -34.01
C ALA B 146 12.33 -11.30 -33.86
N ASN B 147 12.00 -12.52 -33.46
CA ASN B 147 12.98 -13.59 -33.26
C ASN B 147 14.01 -13.24 -32.19
N ILE B 148 13.59 -12.49 -31.18
CA ILE B 148 14.47 -12.13 -30.07
C ILE B 148 14.58 -13.37 -29.16
N PRO B 149 15.81 -13.79 -28.86
CA PRO B 149 16.03 -14.97 -27.99
C PRO B 149 15.45 -14.68 -26.61
N TYR B 150 14.62 -15.59 -26.10
CA TYR B 150 13.99 -15.35 -24.81
C TYR B 150 13.87 -16.56 -23.88
N THR B 151 13.28 -16.32 -22.72
CA THR B 151 12.99 -17.34 -21.75
C THR B 151 11.76 -16.80 -21.01
N TYR B 152 10.66 -17.56 -21.02
CA TYR B 152 9.44 -17.15 -20.32
C TYR B 152 9.43 -17.90 -18.98
N VAL B 153 9.53 -17.17 -17.88
CA VAL B 153 9.57 -17.76 -16.55
C VAL B 153 8.26 -17.74 -15.79
N SER B 154 7.73 -18.92 -15.50
CA SER B 154 6.54 -19.02 -14.70
C SER B 154 7.06 -19.47 -13.33
N ALA B 155 7.19 -18.53 -12.41
CA ALA B 155 7.71 -18.81 -11.08
C ALA B 155 6.68 -19.32 -10.07
N ASN B 156 5.41 -19.27 -10.45
CA ASN B 156 4.33 -19.67 -9.55
C ASN B 156 4.28 -18.70 -8.36
N CYS B 157 3.75 -19.13 -7.22
CA CYS B 157 3.60 -18.24 -6.05
C CYS B 157 4.85 -17.85 -5.26
N PHE B 158 5.05 -16.55 -5.07
CA PHE B 158 6.18 -16.07 -4.28
C PHE B 158 5.83 -16.55 -2.85
N ALA B 159 6.69 -17.39 -2.27
CA ALA B 159 6.47 -17.97 -0.94
C ALA B 159 6.39 -17.06 0.28
N SER B 160 7.43 -16.26 0.52
CA SER B 160 7.38 -15.35 1.67
C SER B 160 6.13 -14.47 1.54
N TYR B 161 5.90 -13.99 0.32
CA TYR B 161 4.77 -13.12 0.03
C TYR B 161 3.45 -13.73 0.45
N PHE B 162 3.15 -14.92 -0.07
CA PHE B 162 1.88 -15.55 0.25
C PHE B 162 1.76 -16.20 1.61
N ILE B 163 2.88 -16.60 2.20
CA ILE B 163 2.83 -17.17 3.54
C ILE B 163 2.38 -16.02 4.45
N ASN B 164 2.94 -14.83 4.24
CA ASN B 164 2.56 -13.66 5.02
C ASN B 164 1.11 -13.33 4.76
N TYR B 165 0.72 -13.41 3.50
CA TYR B 165 -0.64 -13.11 3.10
C TYR B 165 -1.67 -14.10 3.64
N LEU B 166 -1.37 -15.39 3.54
CA LEU B 166 -2.29 -16.41 3.99
C LEU B 166 -2.22 -16.72 5.49
N LEU B 167 -1.02 -16.70 6.06
CA LEU B 167 -0.89 -17.02 7.48
C LEU B 167 -0.72 -15.84 8.43
N ARG B 168 -0.47 -14.64 7.89
CA ARG B 168 -0.31 -13.46 8.74
C ARG B 168 0.46 -13.82 10.03
N PRO B 169 1.68 -14.36 9.89
CA PRO B 169 2.49 -14.74 11.05
C PRO B 169 2.85 -13.57 11.96
N TYR B 170 2.68 -12.35 11.45
CA TYR B 170 2.99 -11.17 12.22
C TYR B 170 1.70 -10.66 12.89
N ASP B 171 0.76 -11.59 13.07
CA ASP B 171 -0.53 -11.30 13.68
C ASP B 171 -1.06 -12.50 14.48
N PRO B 172 -1.03 -12.41 15.82
CA PRO B 172 -1.49 -13.49 16.70
C PRO B 172 -3.01 -13.74 16.75
N LYS B 173 -3.68 -13.67 15.59
CA LYS B 173 -5.13 -13.90 15.53
C LYS B 173 -5.44 -15.38 15.75
N ASP B 174 -6.68 -15.70 16.12
CA ASP B 174 -7.09 -17.09 16.34
C ASP B 174 -7.80 -17.66 15.13
N GLU B 175 -8.21 -16.78 14.23
CA GLU B 175 -8.92 -17.16 13.02
C GLU B 175 -8.05 -16.95 11.79
N ILE B 176 -8.32 -17.72 10.74
CA ILE B 176 -7.61 -17.60 9.49
C ILE B 176 -8.61 -17.63 8.35
N THR B 177 -8.40 -16.74 7.39
CA THR B 177 -9.28 -16.67 6.24
C THR B 177 -8.85 -17.66 5.18
N VAL B 178 -9.79 -18.49 4.76
CA VAL B 178 -9.55 -19.47 3.72
C VAL B 178 -10.36 -19.01 2.50
N TYR B 179 -9.69 -18.87 1.37
CA TYR B 179 -10.31 -18.43 0.11
C TYR B 179 -10.87 -19.62 -0.64
N GLY B 180 -12.18 -19.60 -0.88
CA GLY B 180 -12.82 -20.70 -1.55
C GLY B 180 -12.84 -21.87 -0.57
N THR B 181 -12.81 -23.09 -1.09
CA THR B 181 -12.82 -24.28 -0.25
C THR B 181 -11.46 -24.51 0.39
N GLY B 182 -10.42 -23.97 -0.24
CA GLY B 182 -9.07 -24.13 0.30
C GLY B 182 -8.41 -25.44 -0.09
N GLU B 183 -9.08 -26.23 -0.93
CA GLU B 183 -8.54 -27.52 -1.36
C GLU B 183 -7.79 -27.45 -2.68
N ALA B 184 -7.74 -26.27 -3.28
CA ALA B 184 -7.03 -26.10 -4.54
C ALA B 184 -5.52 -26.11 -4.35
N LYS B 185 -4.83 -26.88 -5.20
CA LYS B 185 -3.38 -26.96 -5.12
C LYS B 185 -2.69 -25.84 -5.87
N PHE B 186 -1.54 -25.42 -5.33
CA PHE B 186 -0.72 -24.38 -5.94
C PHE B 186 0.72 -24.60 -5.51
N ALA B 187 1.65 -24.03 -6.25
CA ALA B 187 3.06 -24.17 -5.92
C ALA B 187 3.54 -22.82 -5.45
N MET B 188 4.40 -22.80 -4.44
CA MET B 188 4.94 -21.55 -3.95
C MET B 188 6.44 -21.69 -3.76
N ASN B 189 7.19 -20.72 -4.26
CA ASN B 189 8.65 -20.79 -4.16
C ASN B 189 9.30 -19.59 -3.45
N TYR B 190 10.37 -19.87 -2.71
CA TYR B 190 11.08 -18.84 -1.97
C TYR B 190 11.65 -17.81 -2.94
N GLU B 191 11.40 -16.54 -2.64
CA GLU B 191 11.87 -15.43 -3.48
C GLU B 191 13.39 -15.45 -3.77
N GLN B 192 14.18 -15.90 -2.81
CA GLN B 192 15.62 -15.98 -2.98
C GLN B 192 16.00 -17.01 -4.03
N ASP B 193 15.29 -18.14 -4.06
CA ASP B 193 15.59 -19.16 -5.06
C ASP B 193 15.03 -18.76 -6.41
N ILE B 194 13.87 -18.11 -6.42
CA ILE B 194 13.28 -17.66 -7.67
C ILE B 194 14.29 -16.74 -8.36
N GLY B 195 14.98 -15.95 -7.56
CA GLY B 195 15.97 -15.03 -8.09
C GLY B 195 17.17 -15.77 -8.62
N LEU B 196 17.73 -16.67 -7.81
CA LEU B 196 18.90 -17.43 -8.22
C LEU B 196 18.64 -18.25 -9.50
N TYR B 197 17.55 -19.00 -9.51
CA TYR B 197 17.21 -19.83 -10.68
C TYR B 197 16.99 -19.02 -11.97
N THR B 198 16.37 -17.86 -11.84
CA THR B 198 16.12 -17.03 -13.01
C THR B 198 17.44 -16.65 -13.68
N ILE B 199 18.46 -16.35 -12.86
CA ILE B 199 19.76 -16.00 -13.41
C ILE B 199 20.37 -17.21 -14.10
N LYS B 200 20.31 -18.36 -13.44
CA LYS B 200 20.86 -19.59 -14.00
C LYS B 200 20.24 -19.85 -15.38
N VAL B 201 18.92 -20.04 -15.43
CA VAL B 201 18.28 -20.35 -16.70
C VAL B 201 18.51 -19.30 -17.75
N ALA B 202 18.61 -18.04 -17.34
CA ALA B 202 18.84 -16.94 -18.29
C ALA B 202 20.08 -17.18 -19.14
N THR B 203 20.97 -18.04 -18.67
CA THR B 203 22.18 -18.34 -19.42
C THR B 203 22.24 -19.81 -19.83
N ASP B 204 21.22 -20.57 -19.45
CA ASP B 204 21.18 -21.98 -19.76
C ASP B 204 20.61 -22.24 -21.16
N PRO B 205 21.44 -22.77 -22.08
CA PRO B 205 20.99 -23.05 -23.45
C PRO B 205 19.73 -23.90 -23.41
N ARG B 206 19.59 -24.69 -22.36
CA ARG B 206 18.42 -25.55 -22.22
C ARG B 206 17.14 -24.75 -21.97
N ALA B 207 17.28 -23.45 -21.76
CA ALA B 207 16.12 -22.59 -21.51
C ALA B 207 15.94 -21.58 -22.63
N LEU B 208 16.84 -21.62 -23.61
CA LEU B 208 16.77 -20.70 -24.74
C LEU B 208 15.45 -20.89 -25.50
N ASN B 209 14.69 -19.81 -25.63
CA ASN B 209 13.41 -19.81 -26.33
C ASN B 209 12.44 -20.85 -25.79
N ARG B 210 12.38 -20.96 -24.47
CA ARG B 210 11.49 -21.90 -23.84
C ARG B 210 10.74 -21.28 -22.67
N VAL B 211 9.71 -21.98 -22.22
CA VAL B 211 8.94 -21.55 -21.08
C VAL B 211 9.52 -22.36 -19.94
N VAL B 212 10.03 -21.69 -18.91
CA VAL B 212 10.58 -22.40 -17.77
C VAL B 212 9.60 -22.23 -16.62
N ILE B 213 9.31 -23.34 -15.96
CA ILE B 213 8.37 -23.36 -14.85
C ILE B 213 9.09 -23.78 -13.55
N TYR B 214 8.79 -23.06 -12.48
CA TYR B 214 9.37 -23.36 -11.16
C TYR B 214 8.34 -24.14 -10.37
N ARG B 215 8.45 -25.47 -10.39
CA ARG B 215 7.48 -26.25 -9.66
C ARG B 215 8.08 -27.47 -8.97
N PRO B 216 8.95 -27.25 -7.98
CA PRO B 216 9.54 -28.38 -7.28
C PRO B 216 8.47 -29.15 -6.50
N SER B 217 8.57 -30.48 -6.56
CA SER B 217 7.62 -31.37 -5.90
C SER B 217 7.42 -31.13 -4.41
N THR B 218 8.45 -30.61 -3.75
CA THR B 218 8.37 -30.33 -2.30
C THR B 218 7.63 -29.03 -2.00
N ASN B 219 7.23 -28.29 -3.03
CA ASN B 219 6.57 -27.02 -2.79
C ASN B 219 5.15 -26.88 -3.35
N ILE B 220 4.41 -27.98 -3.41
CA ILE B 220 3.05 -27.98 -3.91
C ILE B 220 2.14 -28.22 -2.71
N ILE B 221 1.11 -27.41 -2.54
CA ILE B 221 0.25 -27.56 -1.38
C ILE B 221 -1.07 -26.82 -1.55
N THR B 222 -1.98 -26.99 -0.59
CA THR B 222 -3.26 -26.30 -0.60
C THR B 222 -3.28 -25.39 0.62
N GLN B 223 -4.19 -24.41 0.63
CA GLN B 223 -4.29 -23.50 1.78
C GLN B 223 -4.44 -24.30 3.07
N LEU B 224 -5.44 -25.17 3.10
CA LEU B 224 -5.70 -26.00 4.28
C LEU B 224 -4.44 -26.73 4.74
N GLU B 225 -3.77 -27.42 3.83
CA GLU B 225 -2.56 -28.16 4.18
C GLU B 225 -1.49 -27.21 4.71
N LEU B 226 -1.38 -26.04 4.10
CA LEU B 226 -0.40 -25.06 4.54
C LEU B 226 -0.76 -24.66 5.95
N ILE B 227 -2.06 -24.49 6.21
CA ILE B 227 -2.52 -24.10 7.52
C ILE B 227 -2.22 -25.20 8.56
N SER B 228 -2.59 -26.44 8.26
CA SER B 228 -2.34 -27.54 9.18
C SER B 228 -0.88 -27.62 9.55
N ARG B 229 0.00 -27.57 8.56
CA ARG B 229 1.43 -27.66 8.83
C ARG B 229 1.97 -26.50 9.67
N TRP B 230 1.46 -25.30 9.45
CA TRP B 230 1.89 -24.15 10.23
C TRP B 230 1.46 -24.40 11.69
N GLU B 231 0.25 -24.92 11.85
CA GLU B 231 -0.30 -25.21 13.17
C GLU B 231 0.61 -26.16 13.97
N LYS B 232 1.06 -27.22 13.32
CA LYS B 232 1.94 -28.20 13.96
C LYS B 232 3.27 -27.51 14.27
N LYS B 233 3.75 -26.71 13.34
CA LYS B 233 5.00 -25.98 13.54
C LYS B 233 4.98 -25.14 14.82
N ILE B 234 3.89 -24.42 15.03
CA ILE B 234 3.80 -23.53 16.18
C ILE B 234 2.99 -24.02 17.35
N GLY B 235 2.37 -25.18 17.20
CA GLY B 235 1.57 -25.75 18.28
C GLY B 235 0.34 -24.93 18.62
N LYS B 236 -0.35 -24.41 17.61
CA LYS B 236 -1.54 -23.61 17.82
C LYS B 236 -2.62 -23.95 16.78
N LYS B 237 -3.87 -23.94 17.20
CA LYS B 237 -4.99 -24.24 16.31
C LYS B 237 -5.78 -22.97 15.98
N PHE B 238 -6.19 -22.86 14.72
CA PHE B 238 -6.94 -21.70 14.23
C PHE B 238 -8.36 -22.02 13.82
N LYS B 239 -9.22 -21.02 13.89
CA LYS B 239 -10.59 -21.19 13.45
C LYS B 239 -10.53 -20.78 11.99
N LYS B 240 -11.04 -21.62 11.11
CA LYS B 240 -11.02 -21.31 9.69
C LYS B 240 -12.29 -20.61 9.23
N ILE B 241 -12.13 -19.45 8.60
CA ILE B 241 -13.24 -18.67 8.09
C ILE B 241 -13.12 -18.66 6.58
N HIS B 242 -14.02 -19.34 5.90
CA HIS B 242 -14.00 -19.41 4.45
C HIS B 242 -14.76 -18.28 3.74
N VAL B 243 -14.20 -17.83 2.62
CA VAL B 243 -14.81 -16.80 1.81
C VAL B 243 -15.33 -17.56 0.59
N PRO B 244 -16.65 -17.72 0.49
CA PRO B 244 -17.28 -18.45 -0.63
C PRO B 244 -16.76 -17.97 -1.98
N GLU B 245 -16.67 -18.89 -2.94
CA GLU B 245 -16.19 -18.54 -4.26
C GLU B 245 -17.12 -17.52 -4.91
N GLU B 246 -18.43 -17.72 -4.75
CA GLU B 246 -19.42 -16.82 -5.32
C GLU B 246 -19.12 -15.38 -4.93
N GLU B 247 -18.65 -15.19 -3.71
CA GLU B 247 -18.34 -13.85 -3.22
C GLU B 247 -17.12 -13.28 -3.93
N ILE B 248 -16.10 -14.13 -4.09
CA ILE B 248 -14.88 -13.68 -4.76
C ILE B 248 -15.27 -13.17 -6.14
N VAL B 249 -16.01 -13.99 -6.87
CA VAL B 249 -16.46 -13.64 -8.22
C VAL B 249 -17.26 -12.35 -8.26
N ALA B 250 -18.21 -12.21 -7.35
CA ALA B 250 -19.04 -11.00 -7.30
C ALA B 250 -18.16 -9.76 -7.09
N LEU B 251 -17.23 -9.86 -6.16
CA LEU B 251 -16.34 -8.73 -5.85
C LEU B 251 -15.53 -8.28 -7.06
N THR B 252 -15.01 -9.23 -7.82
CA THR B 252 -14.22 -8.88 -8.99
C THR B 252 -15.04 -8.02 -9.96
N LYS B 253 -16.35 -8.23 -9.93
CA LYS B 253 -17.27 -7.49 -10.79
C LYS B 253 -17.67 -6.14 -10.18
N GLU B 254 -17.80 -6.12 -8.86
CA GLU B 254 -18.21 -4.91 -8.17
C GLU B 254 -17.04 -3.99 -7.82
N LEU B 255 -16.10 -4.50 -7.03
CA LEU B 255 -14.95 -3.71 -6.60
C LEU B 255 -14.32 -2.98 -7.78
N PRO B 256 -13.81 -1.77 -7.53
CA PRO B 256 -13.18 -0.96 -8.57
C PRO B 256 -11.83 -1.52 -8.98
N GLU B 257 -11.10 -0.72 -9.74
CA GLU B 257 -9.76 -1.08 -10.21
C GLU B 257 -8.78 -0.22 -9.41
N PRO B 258 -7.64 -0.78 -9.01
CA PRO B 258 -7.19 -2.16 -9.24
C PRO B 258 -7.64 -3.17 -8.18
N GLU B 259 -8.44 -2.73 -7.22
CA GLU B 259 -8.92 -3.60 -6.14
C GLU B 259 -9.41 -4.97 -6.62
N ASN B 260 -10.08 -4.98 -7.76
CA ASN B 260 -10.63 -6.22 -8.30
C ASN B 260 -9.59 -7.18 -8.90
N ILE B 261 -8.38 -6.68 -9.15
CA ILE B 261 -7.33 -7.53 -9.72
C ILE B 261 -6.80 -8.58 -8.74
N PRO B 262 -6.44 -8.18 -7.51
CA PRO B 262 -5.94 -9.18 -6.54
C PRO B 262 -7.01 -10.24 -6.24
N ILE B 263 -8.27 -9.82 -6.29
CA ILE B 263 -9.40 -10.73 -6.04
C ILE B 263 -9.41 -11.81 -7.12
N ALA B 264 -9.11 -11.40 -8.36
CA ALA B 264 -9.09 -12.30 -9.50
C ALA B 264 -7.85 -13.22 -9.48
N ILE B 265 -6.76 -12.73 -8.90
CA ILE B 265 -5.52 -13.51 -8.79
C ILE B 265 -5.78 -14.56 -7.70
N LEU B 266 -6.48 -14.15 -6.64
CA LEU B 266 -6.81 -15.04 -5.54
C LEU B 266 -7.72 -16.17 -5.99
N HIS B 267 -8.69 -15.84 -6.84
CA HIS B 267 -9.63 -16.83 -7.35
C HIS B 267 -8.87 -17.82 -8.24
N CYS B 268 -8.16 -17.28 -9.22
CA CYS B 268 -7.38 -18.08 -10.15
C CYS B 268 -6.39 -18.96 -9.40
N LEU B 269 -5.73 -18.38 -8.39
CA LEU B 269 -4.72 -19.09 -7.61
C LEU B 269 -5.24 -20.15 -6.67
N PHE B 270 -5.98 -19.72 -5.66
CA PHE B 270 -6.47 -20.60 -4.62
C PHE B 270 -7.86 -21.18 -4.77
N ILE B 271 -8.55 -20.86 -5.85
CA ILE B 271 -9.89 -21.40 -6.06
C ILE B 271 -9.87 -22.23 -7.34
N ASP B 272 -9.19 -21.72 -8.36
CA ASP B 272 -9.07 -22.42 -9.63
C ASP B 272 -7.78 -23.23 -9.57
N GLY B 273 -6.78 -22.68 -8.90
CA GLY B 273 -5.50 -23.38 -8.80
C GLY B 273 -4.86 -23.44 -10.18
N ALA B 274 -4.59 -22.28 -10.74
CA ALA B 274 -4.00 -22.19 -12.08
C ALA B 274 -2.50 -22.48 -12.14
N THR B 275 -1.89 -22.86 -11.02
CA THR B 275 -0.47 -23.18 -11.03
C THR B 275 -0.30 -24.70 -10.94
N MET B 276 -1.42 -25.40 -10.75
CA MET B 276 -1.42 -26.85 -10.64
C MET B 276 -2.49 -27.49 -11.50
N SER B 277 -3.26 -26.66 -12.19
CA SER B 277 -4.32 -27.16 -13.05
C SER B 277 -3.82 -27.69 -14.41
N TYR B 278 -2.50 -27.73 -14.60
CA TYR B 278 -1.94 -28.20 -15.88
C TYR B 278 -0.79 -29.22 -15.75
N ASP B 279 -0.52 -29.91 -16.86
CA ASP B 279 0.55 -30.90 -16.94
C ASP B 279 1.61 -30.35 -17.90
N PHE B 280 2.88 -30.69 -17.67
CA PHE B 280 3.97 -30.18 -18.51
C PHE B 280 3.89 -30.49 -19.99
N LYS B 281 4.10 -29.45 -20.79
CA LYS B 281 4.07 -29.62 -22.24
C LYS B 281 5.42 -30.19 -22.65
N GLU B 282 5.51 -30.65 -23.89
CA GLU B 282 6.74 -31.23 -24.41
C GLU B 282 7.96 -30.34 -24.27
N ASN B 283 7.82 -29.09 -24.70
CA ASN B 283 8.94 -28.17 -24.66
C ASN B 283 9.13 -27.40 -23.35
N ASP B 284 8.24 -27.63 -22.39
CA ASP B 284 8.35 -26.97 -21.08
C ASP B 284 9.57 -27.48 -20.32
N VAL B 285 10.13 -26.61 -19.49
CA VAL B 285 11.28 -26.98 -18.68
C VAL B 285 10.96 -26.71 -17.21
N GLU B 286 10.99 -27.74 -16.37
CA GLU B 286 10.75 -27.53 -14.93
C GLU B 286 12.13 -27.30 -14.35
N ALA B 287 12.37 -26.09 -13.87
CA ALA B 287 13.67 -25.69 -13.36
C ALA B 287 14.34 -26.53 -12.29
N SER B 288 13.62 -26.96 -11.27
CA SER B 288 14.24 -27.75 -10.21
C SER B 288 15.08 -28.91 -10.73
N THR B 289 14.76 -29.41 -11.93
CA THR B 289 15.49 -30.52 -12.50
C THR B 289 16.79 -30.14 -13.21
N LEU B 290 17.03 -28.86 -13.37
CA LEU B 290 18.22 -28.39 -14.09
C LEU B 290 19.59 -28.44 -13.44
N TYR B 291 19.67 -28.16 -12.14
CA TYR B 291 20.97 -28.15 -11.48
C TYR B 291 21.07 -29.06 -10.25
N PRO B 292 21.83 -30.16 -10.38
CA PRO B 292 21.99 -31.10 -9.28
C PRO B 292 22.69 -30.50 -8.06
N GLU B 293 23.31 -29.35 -8.25
CA GLU B 293 24.01 -28.68 -7.17
C GLU B 293 23.08 -27.72 -6.44
N LEU B 294 21.94 -27.43 -7.05
CA LEU B 294 20.99 -26.50 -6.46
C LEU B 294 19.63 -27.12 -6.15
N LYS B 295 18.92 -26.50 -5.20
CA LYS B 295 17.60 -26.95 -4.83
C LYS B 295 16.75 -25.77 -4.33
N PHE B 296 15.44 -25.92 -4.45
CA PHE B 296 14.52 -24.90 -3.97
C PHE B 296 14.27 -25.16 -2.49
N THR B 297 14.21 -24.11 -1.70
CA THR B 297 13.94 -24.25 -0.28
C THR B 297 12.54 -24.86 -0.23
N THR B 298 12.36 -25.89 0.60
CA THR B 298 11.06 -26.56 0.68
C THR B 298 10.06 -25.78 1.53
N ILE B 299 8.82 -26.25 1.54
CA ILE B 299 7.79 -25.60 2.33
C ILE B 299 8.12 -25.70 3.83
N ASP B 300 8.46 -26.89 4.28
CA ASP B 300 8.81 -27.07 5.68
C ASP B 300 9.94 -26.13 6.09
N GLU B 301 10.97 -26.06 5.27
CA GLU B 301 12.10 -25.18 5.54
C GLU B 301 11.61 -23.74 5.56
N LEU B 302 10.65 -23.42 4.69
CA LEU B 302 10.09 -22.06 4.65
C LEU B 302 9.35 -21.73 5.95
N LEU B 303 8.55 -22.68 6.44
CA LEU B 303 7.82 -22.46 7.69
C LEU B 303 8.82 -22.34 8.82
N ASP B 304 9.92 -23.09 8.72
CA ASP B 304 10.96 -23.01 9.75
C ASP B 304 11.50 -21.60 9.75
N ILE B 305 11.79 -21.07 8.56
CA ILE B 305 12.30 -19.72 8.43
C ILE B 305 11.37 -18.69 9.04
N PHE B 306 10.06 -18.87 8.82
CA PHE B 306 9.10 -17.94 9.39
C PHE B 306 8.99 -18.03 10.91
N VAL B 307 9.57 -19.08 11.47
CA VAL B 307 9.57 -19.25 12.92
C VAL B 307 10.81 -18.52 13.45
N HIS B 308 11.99 -18.99 13.06
CA HIS B 308 13.24 -18.42 13.50
C HIS B 308 13.53 -16.99 13.03
N ASP B 309 13.08 -16.61 11.83
CA ASP B 309 13.34 -15.26 11.36
C ASP B 309 12.51 -14.94 10.13
N PRO B 310 11.24 -14.62 10.33
CA PRO B 310 10.30 -14.30 9.26
C PRO B 310 10.55 -12.98 8.55
N PRO B 311 10.30 -12.94 7.23
CA PRO B 311 10.50 -11.73 6.46
C PRO B 311 9.20 -10.93 6.54
N PRO B 312 9.28 -9.59 6.54
CA PRO B 312 8.11 -8.73 6.62
C PRO B 312 7.14 -8.87 5.44
N PRO B 313 5.87 -8.51 5.66
CA PRO B 313 4.83 -8.60 4.63
C PRO B 313 5.00 -7.56 3.52
N ALA B 314 4.46 -7.85 2.34
CA ALA B 314 4.56 -6.95 1.20
C ALA B 314 3.32 -6.97 0.31
N SER B 315 3.06 -5.86 -0.37
CA SER B 315 1.91 -5.73 -1.26
C SER B 315 2.34 -5.45 -2.70
N ALA B 316 1.65 -6.07 -3.65
CA ALA B 316 1.96 -5.89 -5.06
C ALA B 316 1.28 -4.64 -5.60
N ALA B 317 1.92 -3.98 -6.57
CA ALA B 317 1.36 -2.76 -7.17
C ALA B 317 0.48 -3.11 -8.36
N PHE B 318 -0.69 -2.49 -8.44
CA PHE B 318 -1.62 -2.74 -9.53
C PHE B 318 -2.23 -1.44 -10.07
PA NAP C . 0.32 8.35 8.22
O1A NAP C . 0.07 6.92 7.90
O2A NAP C . 0.61 9.32 7.14
O5B NAP C . 1.45 8.30 9.35
C5B NAP C . 1.77 9.49 10.09
C4B NAP C . 3.20 9.35 10.51
O4B NAP C . 3.56 8.29 11.53
C3B NAP C . 4.24 8.92 9.47
O3B NAP C . 4.45 9.93 8.49
C2B NAP C . 5.51 8.56 10.26
O2B NAP C . 6.38 9.69 10.41
C1B NAP C . 4.97 8.09 11.61
N9A NAP C . 5.18 6.66 11.86
C8A NAP C . 4.91 5.64 10.96
N7A NAP C . 5.20 4.45 11.43
C5A NAP C . 5.66 4.69 12.68
C6A NAP C . 6.13 3.81 13.68
N6A NAP C . 6.16 2.49 13.49
N1A NAP C . 6.54 4.38 14.88
C2A NAP C . 6.49 5.74 15.05
N3A NAP C . 6.06 6.66 14.15
C4A NAP C . 5.67 6.06 12.98
O3 NAP C . -0.95 8.86 9.12
PN NAP C . -2.30 9.38 8.45
O1N NAP C . -2.67 8.49 7.30
O2N NAP C . -2.04 10.83 8.14
O5D NAP C . -3.40 9.33 9.57
C5D NAP C . -3.26 10.08 10.81
C4D NAP C . -4.61 10.19 11.47
O4D NAP C . -5.55 10.64 10.46
C3D NAP C . -5.10 8.85 12.08
O3D NAP C . -5.69 9.05 13.35
C2D NAP C . -6.02 8.38 10.99
O2D NAP C . -6.99 7.49 11.53
C1D NAP C . -6.59 9.64 10.41
N1N NAP C . -7.13 9.44 9.03
C2N NAP C . -8.40 9.96 8.79
C3N NAP C . -8.96 9.94 7.52
C7N NAP C . -10.33 10.55 7.27
O7N NAP C . -10.85 10.47 6.13
N7N NAP C . -10.95 11.18 8.30
C4N NAP C . -8.22 9.34 6.44
C5N NAP C . -6.92 8.81 6.69
C6N NAP C . -6.36 8.88 7.98
P2B NAP C . 8.00 9.68 10.37
O1X NAP C . 8.46 8.87 9.16
O2X NAP C . 8.27 11.16 10.33
O3X NAP C . 8.47 9.05 11.67
PA NAP D . 7.78 -3.92 -7.89
O1A NAP D . 6.43 -3.34 -7.70
O2A NAP D . 8.66 -4.20 -6.73
O5B NAP D . 8.47 -2.94 -8.97
C5B NAP D . 9.73 -3.30 -9.55
C4B NAP D . 10.43 -2.01 -9.86
O4B NAP D . 9.79 -1.09 -10.89
C3B NAP D . 10.56 -0.94 -8.77
O3B NAP D . 11.47 -1.36 -7.78
C2B NAP D . 10.98 0.36 -9.48
O2B NAP D . 12.41 0.48 -9.52
C1B NAP D . 10.40 0.19 -10.88
N9A NAP D . 9.34 1.16 -11.17
C8A NAP D . 8.25 1.45 -10.34
N7A NAP D . 7.45 2.37 -10.85
C5A NAP D . 8.02 2.68 -12.05
C6A NAP D . 7.64 3.59 -13.07
N6A NAP D . 6.53 4.35 -12.96
N1A NAP D . 8.44 3.68 -14.18
C2A NAP D . 9.57 2.91 -14.29
N3A NAP D . 10.02 2.00 -13.37
C4A NAP D . 9.19 1.94 -12.27
O3 NAP D . 7.59 -5.26 -8.83
PN NAP D . 7.28 -6.71 -8.24
O1N NAP D . 6.25 -6.62 -7.18
O2N NAP D . 8.62 -7.27 -7.87
O5D NAP D . 6.73 -7.58 -9.46
C5D NAP D . 7.54 -7.87 -10.63
C4D NAP D . 6.91 -9.01 -11.39
O4D NAP D . 6.69 -10.13 -10.46
C3D NAP D . 5.56 -8.63 -12.05
O3D NAP D . 5.47 -9.12 -13.37
C2D NAP D . 4.57 -9.21 -11.06
O2D NAP D . 3.37 -9.51 -11.72
C1D NAP D . 5.27 -10.42 -10.49
N1N NAP D . 4.71 -10.84 -9.16
C2N NAP D . 4.42 -12.19 -9.01
C3N NAP D . 4.00 -12.69 -7.76
C7N NAP D . 3.77 -14.18 -7.54
O7N NAP D . 3.38 -14.58 -6.44
N7N NAP D . 4.05 -15.01 -8.56
C4N NAP D . 3.81 -11.77 -6.67
C5N NAP D . 4.13 -10.40 -6.85
C6N NAP D . 4.60 -9.95 -8.07
P2B NAP D . 13.26 1.85 -9.32
O1X NAP D . 12.68 2.62 -8.14
O2X NAP D . 14.65 1.29 -9.13
O3X NAP D . 13.14 2.63 -10.62
#